data_9E6A
#
_entry.id   9E6A
#
_cell.length_a   178.598
_cell.length_b   69.440
_cell.length_c   95.684
_cell.angle_alpha   90.000
_cell.angle_beta   101.990
_cell.angle_gamma   90.000
#
_symmetry.space_group_name_H-M   'C 1 2 1'
#
loop_
_entity.id
_entity.type
_entity.pdbx_description
1 polymer 'Transcriptional regulator, IclR family'
2 non-polymer 'ACETIC ACID'
3 non-polymer 'SULFATE ION'
4 non-polymer 'HYDROCINNAMIC ACID'
5 water water
#
_entity_poly.entity_id   1
_entity_poly.type   'polypeptide(L)'
_entity_poly.pdbx_seq_one_letter_code
;(MSE)NTPAIHPRDLIAGLQKGLAL(MSE)QLFSAEQPRLSVPQAARLSGLTSSAVRRFLLTLVHEGFAETDSRDYWLTP
KALRIGQAYVDSAQLPR(MSE)LRPIVEQVARQTQEHVSVGTRDGDEIIHLVRSRYSHVASLSIRPGSRVP(MSE)YCTA
SGRIWLAWLDEGERDEYFARHPLRALTPYTLTDRAQLDAELQRVKGQGFCIVDQEYEIG(MSE)RVLGVPLLGRAGQLKA
TLTITTHASRLSIDEIRLRYLPTLYEAQALLRPVLD
;
_entity_poly.pdbx_strand_id   A,B,C,D
#
loop_
_chem_comp.id
_chem_comp.type
_chem_comp.name
_chem_comp.formula
ACY non-polymer 'ACETIC ACID' 'C2 H4 O2'
HCI non-polymer 'HYDROCINNAMIC ACID' 'C9 H10 O2'
SO4 non-polymer 'SULFATE ION' 'O4 S -2'
#
# COMPACT_ATOMS: atom_id res chain seq x y z
N ILE A 6 10.86 -27.63 -38.54
CA ILE A 6 11.74 -26.79 -39.33
C ILE A 6 13.10 -27.46 -39.45
N HIS A 7 13.69 -27.46 -40.65
CA HIS A 7 15.01 -28.06 -40.71
C HIS A 7 16.07 -27.04 -40.28
N PRO A 8 17.09 -27.47 -39.53
CA PRO A 8 18.13 -26.54 -39.07
C PRO A 8 18.91 -25.89 -40.20
N ARG A 9 18.83 -26.39 -41.43
CA ARG A 9 19.49 -25.73 -42.55
C ARG A 9 18.85 -24.40 -42.90
N ASP A 10 17.66 -24.12 -42.37
CA ASP A 10 16.96 -22.87 -42.64
C ASP A 10 17.10 -21.85 -41.52
N LEU A 11 17.73 -22.22 -40.40
CA LEU A 11 17.87 -21.32 -39.25
C LEU A 11 19.09 -20.44 -39.44
N ILE A 12 18.89 -19.13 -39.45
CA ILE A 12 20.01 -18.19 -39.45
C ILE A 12 20.45 -18.00 -38.01
N ALA A 13 21.58 -18.64 -37.64
CA ALA A 13 22.01 -18.64 -36.24
C ALA A 13 22.33 -17.22 -35.75
N GLY A 14 22.70 -16.31 -36.65
CA GLY A 14 23.05 -14.97 -36.24
C GLY A 14 21.84 -14.19 -35.75
N LEU A 15 20.68 -14.39 -36.40
CA LEU A 15 19.44 -13.81 -35.89
C LEU A 15 19.07 -14.41 -34.53
N GLN A 16 19.09 -15.75 -34.40
CA GLN A 16 18.79 -16.39 -33.13
C GLN A 16 19.63 -15.82 -31.99
N LYS A 17 20.95 -15.89 -32.14
CA LYS A 17 21.84 -15.50 -31.05
C LYS A 17 21.76 -14.00 -30.78
N GLY A 18 21.61 -13.20 -31.85
CA GLY A 18 21.51 -11.76 -31.67
C GLY A 18 20.29 -11.34 -30.87
N LEU A 19 19.12 -11.90 -31.20
CA LEU A 19 17.94 -11.59 -30.42
C LEU A 19 18.05 -12.14 -28.99
N ALA A 20 18.64 -13.33 -28.82
CA ALA A 20 18.85 -13.85 -27.47
C ALA A 20 19.75 -12.91 -26.68
N LEU A 21 20.80 -12.40 -27.34
CA LEU A 21 21.72 -11.46 -26.72
C LEU A 21 21.01 -10.20 -26.23
N MSE A 22 20.13 -9.64 -27.06
CA MSE A 22 19.53 -8.35 -26.79
C MSE A 22 18.67 -8.44 -25.52
O MSE A 22 18.49 -7.44 -24.81
CB MSE A 22 18.67 -7.91 -27.96
CG MSE A 22 19.44 -7.13 -28.98
SE MSE A 22 18.44 -7.00 -30.62
CE MSE A 22 18.02 -5.12 -30.34
N GLN A 23 18.14 -9.62 -25.25
CA GLN A 23 17.31 -9.82 -24.06
C GLN A 23 18.12 -9.99 -22.79
N LEU A 24 19.45 -10.02 -22.87
CA LEU A 24 20.28 -10.10 -21.67
C LEU A 24 20.39 -8.76 -20.95
N PHE A 25 20.05 -7.66 -21.62
CA PHE A 25 20.06 -6.35 -20.97
C PHE A 25 18.82 -6.21 -20.08
N SER A 26 19.01 -5.67 -18.89
CA SER A 26 17.91 -5.58 -17.93
C SER A 26 18.23 -4.52 -16.89
N ALA A 27 17.33 -4.38 -15.92
CA ALA A 27 17.59 -3.48 -14.80
C ALA A 27 18.76 -3.98 -13.97
N GLU A 28 18.83 -5.30 -13.74
CA GLU A 28 19.97 -5.90 -13.05
C GLU A 28 21.23 -5.91 -13.91
N GLN A 29 21.05 -5.87 -15.23
CA GLN A 29 22.15 -6.04 -16.19
C GLN A 29 22.09 -4.93 -17.22
N PRO A 30 22.28 -3.66 -16.81
CA PRO A 30 22.00 -2.54 -17.72
C PRO A 30 23.06 -2.34 -18.79
N ARG A 31 24.25 -2.89 -18.60
CA ARG A 31 25.34 -2.84 -19.57
C ARG A 31 25.92 -4.24 -19.67
N LEU A 32 26.72 -4.47 -20.72
CA LEU A 32 27.40 -5.74 -20.91
C LEU A 32 28.78 -5.49 -21.49
N SER A 33 29.77 -6.14 -20.91
CA SER A 33 31.07 -6.27 -21.56
C SER A 33 31.08 -7.56 -22.35
N VAL A 34 32.08 -7.69 -23.22
CA VAL A 34 32.19 -8.90 -24.02
C VAL A 34 32.29 -10.14 -23.14
N PRO A 35 33.21 -10.24 -22.16
CA PRO A 35 33.23 -11.46 -21.32
C PRO A 35 31.97 -11.63 -20.50
N GLN A 36 31.39 -10.53 -19.99
CA GLN A 36 30.08 -10.60 -19.35
C GLN A 36 29.06 -11.23 -20.29
N ALA A 37 28.88 -10.63 -21.46
CA ALA A 37 27.92 -11.17 -22.42
C ALA A 37 28.26 -12.60 -22.78
N ALA A 38 29.55 -12.91 -22.90
CA ALA A 38 29.97 -14.28 -23.26
C ALA A 38 29.48 -15.30 -22.25
N ARG A 39 29.72 -15.07 -20.95
CA ARG A 39 29.34 -16.10 -20.00
C ARG A 39 27.83 -16.14 -19.77
N LEU A 40 27.16 -14.98 -19.83
CA LEU A 40 25.71 -14.96 -19.68
C LEU A 40 24.99 -15.61 -20.86
N SER A 41 25.54 -15.49 -22.07
CA SER A 41 24.87 -16.02 -23.27
C SER A 41 25.30 -17.44 -23.61
N GLY A 42 26.41 -17.90 -23.07
CA GLY A 42 26.92 -19.20 -23.44
C GLY A 42 27.66 -19.23 -24.76
N LEU A 43 27.96 -18.07 -25.33
CA LEU A 43 28.72 -17.97 -26.58
C LEU A 43 30.14 -17.52 -26.30
N THR A 44 31.02 -17.82 -27.25
CA THR A 44 32.43 -17.48 -27.14
C THR A 44 32.63 -15.97 -27.10
N SER A 45 33.79 -15.57 -26.58
CA SER A 45 34.19 -14.17 -26.59
C SER A 45 34.19 -13.58 -27.99
N SER A 46 34.66 -14.34 -28.98
CA SER A 46 34.78 -13.82 -30.33
C SER A 46 33.41 -13.65 -31.00
N ALA A 47 32.51 -14.61 -30.82
CA ALA A 47 31.19 -14.48 -31.43
C ALA A 47 30.44 -13.30 -30.86
N VAL A 48 30.45 -13.15 -29.53
CA VAL A 48 29.59 -12.13 -28.92
C VAL A 48 30.12 -10.74 -29.25
N ARG A 49 31.44 -10.59 -29.42
CA ARG A 49 31.99 -9.30 -29.84
C ARG A 49 31.39 -8.85 -31.16
N ARG A 50 31.21 -9.77 -32.10
CA ARG A 50 30.67 -9.36 -33.39
C ARG A 50 29.17 -9.08 -33.30
N PHE A 51 28.46 -9.83 -32.46
CA PHE A 51 27.03 -9.55 -32.27
C PHE A 51 26.85 -8.14 -31.73
N LEU A 52 27.65 -7.78 -30.72
CA LEU A 52 27.52 -6.48 -30.07
C LEU A 52 27.95 -5.34 -30.98
N LEU A 53 29.01 -5.54 -31.79
CA LEU A 53 29.41 -4.48 -32.71
C LEU A 53 28.42 -4.36 -33.85
N THR A 54 27.82 -5.47 -34.28
CA THR A 54 26.74 -5.40 -35.28
C THR A 54 25.57 -4.57 -34.76
N LEU A 55 25.15 -4.80 -33.50
CA LEU A 55 24.08 -4.00 -32.91
C LEU A 55 24.44 -2.53 -32.91
N VAL A 56 25.71 -2.21 -32.59
CA VAL A 56 26.15 -0.82 -32.61
C VAL A 56 26.05 -0.24 -34.02
N HIS A 57 26.53 -1.01 -35.00
CA HIS A 57 26.50 -0.55 -36.39
C HIS A 57 25.08 -0.31 -36.88
N GLU A 58 24.12 -1.11 -36.42
CA GLU A 58 22.73 -0.97 -36.82
C GLU A 58 21.96 0.02 -35.97
N GLY A 59 22.60 0.63 -34.98
CA GLY A 59 21.97 1.66 -34.18
C GLY A 59 21.18 1.17 -33.00
N PHE A 60 21.21 -0.14 -32.72
CA PHE A 60 20.52 -0.70 -31.56
C PHE A 60 21.36 -0.68 -30.29
N ALA A 61 22.62 -0.28 -30.37
CA ALA A 61 23.48 -0.30 -29.20
C ALA A 61 24.50 0.81 -29.30
N GLU A 62 25.08 1.14 -28.16
CA GLU A 62 26.22 2.04 -28.10
C GLU A 62 27.28 1.40 -27.22
N THR A 63 28.50 1.90 -27.33
CA THR A 63 29.60 1.31 -26.58
C THR A 63 30.64 2.38 -26.28
N ASP A 64 31.48 2.09 -25.28
CA ASP A 64 32.71 2.85 -25.04
C ASP A 64 33.94 1.98 -25.26
N SER A 65 33.85 1.04 -26.21
CA SER A 65 34.89 0.06 -26.53
C SER A 65 35.03 -1.02 -25.46
N ARG A 66 34.39 -0.85 -24.32
CA ARG A 66 34.43 -1.88 -23.28
C ARG A 66 33.06 -2.36 -22.86
N ASP A 67 32.15 -1.45 -22.55
CA ASP A 67 30.78 -1.79 -22.22
C ASP A 67 29.86 -1.51 -23.42
N TYR A 68 28.74 -2.23 -23.46
CA TYR A 68 27.72 -2.03 -24.48
C TYR A 68 26.37 -1.88 -23.80
N TRP A 69 25.52 -1.04 -24.39
CA TRP A 69 24.17 -0.86 -23.88
C TRP A 69 23.25 -0.53 -25.06
N LEU A 70 21.96 -0.78 -24.86
CA LEU A 70 20.93 -0.64 -25.89
C LEU A 70 20.55 0.83 -26.09
N THR A 71 20.01 1.12 -27.27
CA THR A 71 19.49 2.41 -27.66
C THR A 71 17.97 2.37 -27.78
N PRO A 72 17.34 3.55 -27.91
CA PRO A 72 15.88 3.57 -28.14
C PRO A 72 15.44 2.87 -29.40
N LYS A 73 16.33 2.70 -30.40
CA LYS A 73 15.93 1.99 -31.61
C LYS A 73 15.38 0.61 -31.28
N ALA A 74 15.76 0.04 -30.14
CA ALA A 74 15.24 -1.25 -29.72
C ALA A 74 13.72 -1.22 -29.62
N LEU A 75 13.15 -0.05 -29.28
CA LEU A 75 11.71 0.08 -29.10
C LEU A 75 10.96 -0.17 -30.39
N ARG A 76 11.58 0.11 -31.54
CA ARG A 76 10.94 -0.12 -32.81
C ARG A 76 10.60 -1.59 -33.03
N ILE A 77 11.34 -2.49 -32.38
CA ILE A 77 11.02 -3.91 -32.53
C ILE A 77 9.71 -4.24 -31.83
N GLY A 78 9.56 -3.83 -30.57
CA GLY A 78 8.26 -3.96 -29.92
C GLY A 78 7.17 -3.20 -30.64
N GLN A 79 7.50 -1.99 -31.12
CA GLN A 79 6.50 -1.13 -31.76
C GLN A 79 5.88 -1.80 -32.98
N ALA A 80 6.67 -2.59 -33.70
CA ALA A 80 6.18 -3.32 -34.86
C ALA A 80 5.09 -4.31 -34.48
N TYR A 81 5.20 -4.92 -33.29
CA TYR A 81 4.11 -5.74 -32.79
C TYR A 81 2.89 -4.88 -32.45
N VAL A 82 3.08 -3.81 -31.68
CA VAL A 82 1.97 -2.95 -31.26
C VAL A 82 1.22 -2.40 -32.48
N ASP A 83 1.94 -1.92 -33.49
CA ASP A 83 1.29 -1.36 -34.68
C ASP A 83 0.49 -2.44 -35.42
N SER A 84 1.03 -3.67 -35.49
CA SER A 84 0.53 -4.66 -36.45
C SER A 84 -0.35 -5.75 -35.84
N ALA A 85 -0.35 -5.94 -34.52
CA ALA A 85 -1.06 -7.07 -33.95
C ALA A 85 -2.57 -6.96 -34.18
N GLN A 86 -3.18 -8.08 -34.58
CA GLN A 86 -4.60 -8.10 -34.89
C GLN A 86 -5.46 -8.37 -33.67
N LEU A 87 -5.06 -9.31 -32.82
CA LEU A 87 -5.86 -9.66 -31.65
C LEU A 87 -6.16 -8.47 -30.75
N PRO A 88 -5.19 -7.66 -30.32
CA PRO A 88 -5.56 -6.49 -29.50
C PRO A 88 -6.57 -5.57 -30.18
N ARG A 89 -6.41 -5.34 -31.49
CA ARG A 89 -7.38 -4.51 -32.20
C ARG A 89 -8.76 -5.13 -32.15
N MSE A 90 -8.86 -6.44 -32.38
CA MSE A 90 -10.12 -7.17 -32.38
C MSE A 90 -10.86 -7.16 -31.03
O MSE A 90 -12.09 -7.18 -31.02
CB MSE A 90 -9.87 -8.62 -32.78
CG MSE A 90 -9.82 -8.89 -34.29
SE MSE A 90 -9.04 -10.64 -34.61
CE MSE A 90 -9.86 -11.58 -33.08
N LEU A 91 -10.11 -7.17 -29.92
CA LEU A 91 -10.68 -7.28 -28.59
C LEU A 91 -10.83 -5.94 -27.88
N ARG A 92 -10.14 -4.91 -28.35
CA ARG A 92 -10.23 -3.61 -27.68
C ARG A 92 -11.66 -3.08 -27.59
N PRO A 93 -12.51 -3.18 -28.64
CA PRO A 93 -13.91 -2.71 -28.48
C PRO A 93 -14.66 -3.37 -27.34
N ILE A 94 -14.55 -4.70 -27.24
CA ILE A 94 -15.29 -5.45 -26.22
C ILE A 94 -14.73 -5.16 -24.84
N VAL A 95 -13.43 -4.92 -24.73
CA VAL A 95 -12.82 -4.61 -23.44
C VAL A 95 -13.29 -3.25 -22.95
N GLU A 96 -13.34 -2.25 -23.82
CA GLU A 96 -13.76 -0.93 -23.36
C GLU A 96 -15.27 -0.92 -23.05
N GLN A 97 -16.04 -1.80 -23.68
CA GLN A 97 -17.45 -1.97 -23.34
C GLN A 97 -17.62 -2.58 -21.96
N VAL A 98 -16.89 -3.67 -21.68
CA VAL A 98 -16.96 -4.26 -20.34
C VAL A 98 -16.53 -3.24 -19.28
N ALA A 99 -15.50 -2.44 -19.58
CA ALA A 99 -15.09 -1.42 -18.62
C ALA A 99 -16.20 -0.39 -18.40
N ARG A 100 -16.91 -0.02 -19.48
CA ARG A 100 -18.05 0.89 -19.35
C ARG A 100 -19.18 0.27 -18.54
N GLN A 101 -19.46 -1.01 -18.78
CA GLN A 101 -20.51 -1.72 -18.07
C GLN A 101 -20.23 -1.92 -16.58
N THR A 102 -18.95 -1.95 -16.16
CA THR A 102 -18.60 -2.29 -14.79
C THR A 102 -17.89 -1.19 -14.03
N GLN A 103 -17.31 -0.22 -14.72
CA GLN A 103 -16.43 0.79 -14.10
C GLN A 103 -15.27 0.14 -13.35
N GLU A 104 -14.77 -0.98 -13.90
CA GLU A 104 -13.58 -1.63 -13.38
C GLU A 104 -12.52 -1.78 -14.48
N HIS A 105 -11.30 -2.09 -14.03
CA HIS A 105 -10.19 -2.39 -14.94
C HIS A 105 -10.38 -3.75 -15.59
N VAL A 106 -10.43 -3.77 -16.93
CA VAL A 106 -10.64 -4.99 -17.70
C VAL A 106 -9.37 -5.29 -18.49
N SER A 107 -8.99 -6.56 -18.57
CA SER A 107 -7.72 -6.92 -19.20
C SER A 107 -7.87 -8.15 -20.05
N VAL A 108 -7.10 -8.22 -21.12
CA VAL A 108 -6.95 -9.43 -21.92
C VAL A 108 -5.53 -9.93 -21.78
N GLY A 109 -5.38 -11.18 -21.38
CA GLY A 109 -4.07 -11.72 -21.06
C GLY A 109 -3.74 -12.85 -22.02
N THR A 110 -2.45 -12.97 -22.32
CA THR A 110 -1.98 -14.19 -22.94
C THR A 110 -0.63 -14.56 -22.33
N ARG A 111 -0.25 -15.84 -22.50
CA ARG A 111 1.03 -16.30 -21.99
C ARG A 111 2.17 -15.80 -22.87
N ASP A 112 3.23 -15.28 -22.25
CA ASP A 112 4.48 -14.99 -22.94
C ASP A 112 5.63 -15.47 -22.05
N GLY A 113 6.41 -16.41 -22.55
CA GLY A 113 7.36 -17.08 -21.68
C GLY A 113 6.59 -17.77 -20.55
N ASP A 114 6.94 -17.43 -19.30
CA ASP A 114 6.24 -17.95 -18.13
C ASP A 114 5.43 -16.89 -17.40
N GLU A 115 5.10 -15.79 -18.06
CA GLU A 115 4.28 -14.71 -17.51
C GLU A 115 3.00 -14.55 -18.35
N ILE A 116 2.02 -13.85 -17.79
CA ILE A 116 0.88 -13.33 -18.56
C ILE A 116 1.25 -11.91 -18.99
N ILE A 117 1.19 -11.64 -20.30
CA ILE A 117 1.29 -10.28 -20.83
C ILE A 117 -0.14 -9.81 -21.12
N HIS A 118 -0.48 -8.61 -20.66
CA HIS A 118 -1.80 -8.05 -20.95
C HIS A 118 -1.74 -7.40 -22.33
N LEU A 119 -2.35 -8.05 -23.30
CA LEU A 119 -2.38 -7.46 -24.64
C LEU A 119 -3.29 -6.25 -24.71
N VAL A 120 -4.36 -6.22 -23.90
CA VAL A 120 -5.27 -5.07 -23.81
C VAL A 120 -5.59 -4.82 -22.34
N ARG A 121 -5.45 -3.56 -21.91
CA ARG A 121 -6.01 -3.09 -20.65
C ARG A 121 -6.88 -1.87 -20.90
N SER A 122 -8.09 -1.85 -20.31
CA SER A 122 -9.02 -0.75 -20.52
C SER A 122 -8.43 0.55 -19.99
N ARG A 123 -8.89 1.67 -20.54
CA ARG A 123 -8.37 2.98 -20.12
C ARG A 123 -8.64 3.24 -18.64
N TYR A 124 -7.66 3.85 -17.98
CA TYR A 124 -7.81 4.18 -16.57
C TYR A 124 -8.99 5.11 -16.30
N SER A 125 -9.55 5.76 -17.33
CA SER A 125 -10.55 6.80 -17.12
C SER A 125 -11.94 6.26 -16.78
N HIS A 126 -12.35 5.12 -17.36
CA HIS A 126 -13.67 4.58 -17.03
C HIS A 126 -13.81 4.17 -15.56
N VAL A 127 -12.72 4.11 -14.80
CA VAL A 127 -12.74 3.52 -13.48
C VAL A 127 -12.97 4.61 -12.45
N ALA A 128 -14.03 4.46 -11.66
CA ALA A 128 -14.28 5.32 -10.54
C ALA A 128 -13.72 4.66 -9.28
N SER A 129 -13.86 5.35 -8.16
CA SER A 129 -13.62 4.77 -6.84
C SER A 129 -12.17 4.36 -6.64
N LEU A 130 -11.89 3.74 -5.49
CA LEU A 130 -10.58 3.21 -5.17
C LEU A 130 -10.33 1.93 -5.98
N SER A 131 -9.26 1.93 -6.78
CA SER A 131 -9.01 0.81 -7.67
C SER A 131 -7.54 0.48 -7.71
N ILE A 132 -7.25 -0.60 -8.41
CA ILE A 132 -5.91 -1.15 -8.47
C ILE A 132 -5.81 -1.88 -9.81
N ARG A 133 -4.89 -1.48 -10.62
CA ARG A 133 -4.76 -1.98 -11.98
C ARG A 133 -3.62 -2.98 -12.04
N PRO A 134 -3.78 -4.14 -12.69
CA PRO A 134 -2.64 -5.04 -12.85
C PRO A 134 -1.61 -4.47 -13.81
N GLY A 135 -0.36 -4.89 -13.62
CA GLY A 135 0.71 -4.45 -14.50
C GLY A 135 0.61 -5.04 -15.90
N SER A 136 1.52 -4.60 -16.77
CA SER A 136 1.51 -5.13 -18.12
C SER A 136 1.87 -6.62 -18.14
N ARG A 137 2.72 -7.07 -17.20
CA ARG A 137 3.08 -8.47 -17.10
C ARG A 137 2.96 -8.96 -15.66
N VAL A 138 2.39 -10.14 -15.49
CA VAL A 138 2.14 -10.69 -14.16
C VAL A 138 2.48 -12.16 -14.14
N PRO A 139 2.83 -12.68 -12.97
CA PRO A 139 3.16 -14.11 -12.85
C PRO A 139 1.92 -14.97 -12.97
N MSE A 140 2.12 -16.26 -13.26
CA MSE A 140 0.95 -17.11 -13.51
C MSE A 140 0.34 -17.77 -12.29
O MSE A 140 -0.90 -17.95 -12.23
CB MSE A 140 1.33 -18.18 -14.53
CG MSE A 140 1.69 -17.58 -15.87
SE MSE A 140 2.37 -18.89 -17.12
CE MSE A 140 0.68 -19.72 -17.58
N TYR A 141 1.18 -18.14 -11.31
CA TYR A 141 0.67 -19.00 -10.24
C TYR A 141 -0.31 -18.29 -9.32
N CYS A 142 -0.29 -16.95 -9.28
CA CYS A 142 -1.12 -16.23 -8.31
C CYS A 142 -2.02 -15.17 -8.96
N THR A 143 -2.33 -15.30 -10.26
CA THR A 143 -3.27 -14.41 -10.94
C THR A 143 -4.44 -15.20 -11.49
N ALA A 144 -5.57 -14.51 -11.72
CA ALA A 144 -6.71 -15.17 -12.33
C ALA A 144 -6.36 -15.61 -13.75
N SER A 145 -5.77 -14.70 -14.53
CA SER A 145 -5.39 -15.06 -15.89
C SER A 145 -4.36 -16.19 -15.89
N GLY A 146 -3.38 -16.11 -14.98
CA GLY A 146 -2.37 -17.17 -14.89
C GLY A 146 -2.96 -18.52 -14.55
N ARG A 147 -3.89 -18.56 -13.59
CA ARG A 147 -4.45 -19.86 -13.19
C ARG A 147 -5.35 -20.43 -14.28
N ILE A 148 -6.06 -19.57 -15.01
CA ILE A 148 -6.81 -20.08 -16.16
C ILE A 148 -5.85 -20.73 -17.15
N TRP A 149 -4.75 -20.04 -17.45
CA TRP A 149 -3.78 -20.60 -18.41
C TRP A 149 -3.17 -21.88 -17.87
N LEU A 150 -2.73 -21.88 -16.61
CA LEU A 150 -2.17 -23.10 -16.05
C LEU A 150 -3.17 -24.26 -16.11
N ALA A 151 -4.46 -23.96 -15.88
CA ALA A 151 -5.45 -25.03 -15.81
C ALA A 151 -5.70 -25.66 -17.17
N TRP A 152 -5.47 -24.92 -18.24
CA TRP A 152 -5.71 -25.39 -19.59
C TRP A 152 -4.49 -26.02 -20.24
N LEU A 153 -3.35 -26.06 -19.54
CA LEU A 153 -2.18 -26.79 -20.01
C LEU A 153 -2.37 -28.28 -19.76
N ASP A 154 -1.59 -29.11 -20.46
CA ASP A 154 -1.52 -30.50 -20.02
C ASP A 154 -0.60 -30.60 -18.79
N GLU A 155 -0.69 -31.75 -18.10
CA GLU A 155 0.03 -31.93 -16.84
C GLU A 155 1.52 -31.70 -16.98
N GLY A 156 2.12 -32.18 -18.09
CA GLY A 156 3.56 -32.08 -18.24
C GLY A 156 4.03 -30.65 -18.40
N GLU A 157 3.25 -29.82 -19.11
CA GLU A 157 3.51 -28.40 -19.19
C GLU A 157 3.33 -27.71 -17.83
N ARG A 158 2.33 -28.10 -17.06
CA ARG A 158 2.19 -27.57 -15.70
C ARG A 158 3.39 -27.95 -14.84
N ASP A 159 3.78 -29.24 -14.86
CA ASP A 159 4.97 -29.68 -14.12
C ASP A 159 6.18 -28.82 -14.48
N GLU A 160 6.37 -28.56 -15.77
CA GLU A 160 7.53 -27.80 -16.19
C GLU A 160 7.46 -26.37 -15.67
N TYR A 161 6.27 -25.74 -15.68
CA TYR A 161 6.14 -24.41 -15.08
C TYR A 161 6.49 -24.44 -13.58
N PHE A 162 5.93 -25.39 -12.84
CA PHE A 162 6.15 -25.42 -11.40
C PHE A 162 7.57 -25.87 -11.03
N ALA A 163 8.23 -26.63 -11.91
CA ALA A 163 9.65 -26.93 -11.70
C ALA A 163 10.51 -25.68 -11.78
N ARG A 164 10.09 -24.70 -12.59
CA ARG A 164 10.84 -23.46 -12.77
C ARG A 164 10.52 -22.39 -11.74
N HIS A 165 9.31 -22.36 -11.20
CA HIS A 165 8.85 -21.18 -10.45
C HIS A 165 8.41 -21.53 -9.05
N PRO A 166 9.19 -21.16 -8.03
CA PRO A 166 8.72 -21.31 -6.66
C PRO A 166 7.46 -20.49 -6.43
N LEU A 167 6.55 -21.06 -5.65
CA LEU A 167 5.32 -20.40 -5.21
C LEU A 167 5.63 -19.38 -4.10
N ARG A 168 6.24 -18.26 -4.51
CA ARG A 168 6.72 -17.26 -3.56
C ARG A 168 5.56 -16.42 -3.03
N ALA A 169 5.60 -16.14 -1.73
CA ALA A 169 4.56 -15.30 -1.13
C ALA A 169 4.78 -13.87 -1.60
N LEU A 170 3.77 -13.29 -2.24
CA LEU A 170 3.84 -11.89 -2.60
C LEU A 170 3.00 -11.02 -1.68
N THR A 171 2.03 -11.60 -1.00
CA THR A 171 1.21 -10.92 -0.02
C THR A 171 1.06 -11.90 1.14
N PRO A 172 0.57 -11.46 2.31
CA PRO A 172 0.24 -12.43 3.37
C PRO A 172 -0.73 -13.52 2.93
N TYR A 173 -1.50 -13.31 1.87
CA TYR A 173 -2.56 -14.24 1.48
C TYR A 173 -2.19 -15.17 0.31
N THR A 174 -1.00 -15.02 -0.27
CA THR A 174 -0.61 -15.83 -1.43
C THR A 174 -0.61 -17.32 -1.08
N LEU A 175 -1.23 -18.12 -1.93
CA LEU A 175 -1.19 -19.56 -1.78
C LEU A 175 0.21 -20.06 -2.12
N THR A 176 0.85 -20.75 -1.18
CA THR A 176 2.19 -21.28 -1.40
C THR A 176 2.26 -22.80 -1.35
N ASP A 177 1.13 -23.47 -1.16
CA ASP A 177 1.11 -24.93 -1.15
C ASP A 177 0.77 -25.46 -2.54
N ARG A 178 1.64 -26.35 -3.05
CA ARG A 178 1.42 -26.90 -4.38
C ARG A 178 0.15 -27.73 -4.47
N ALA A 179 -0.15 -28.53 -3.44
CA ALA A 179 -1.33 -29.39 -3.48
C ALA A 179 -2.62 -28.56 -3.51
N GLN A 180 -2.71 -27.56 -2.63
CA GLN A 180 -3.84 -26.62 -2.67
C GLN A 180 -3.93 -25.95 -4.05
N LEU A 181 -2.82 -25.44 -4.57
CA LEU A 181 -2.85 -24.78 -5.87
C LEU A 181 -3.34 -25.72 -6.96
N ASP A 182 -2.96 -27.01 -6.86
CA ASP A 182 -3.41 -28.01 -7.82
C ASP A 182 -4.93 -28.17 -7.78
N ALA A 183 -5.50 -28.20 -6.57
CA ALA A 183 -6.95 -28.36 -6.43
C ALA A 183 -7.69 -27.11 -6.88
N GLU A 184 -7.09 -25.94 -6.68
CA GLU A 184 -7.67 -24.73 -7.24
C GLU A 184 -7.68 -24.79 -8.76
N LEU A 185 -6.61 -25.30 -9.36
CA LEU A 185 -6.51 -25.32 -10.82
C LEU A 185 -7.56 -26.23 -11.43
N GLN A 186 -7.85 -27.36 -10.79
CA GLN A 186 -8.87 -28.25 -11.36
C GLN A 186 -10.27 -27.70 -11.14
N ARG A 187 -10.48 -26.86 -10.12
CA ARG A 187 -11.79 -26.24 -9.95
C ARG A 187 -12.04 -25.20 -11.04
N VAL A 188 -11.00 -24.48 -11.44
CA VAL A 188 -11.11 -23.46 -12.48
C VAL A 188 -11.52 -24.11 -13.80
N LYS A 189 -10.86 -25.19 -14.17
CA LYS A 189 -11.19 -25.91 -15.39
C LYS A 189 -12.66 -26.32 -15.40
N GLY A 190 -13.16 -26.85 -14.28
CA GLY A 190 -14.53 -27.33 -14.25
C GLY A 190 -15.57 -26.25 -14.06
N GLN A 191 -15.22 -25.18 -13.33
CA GLN A 191 -16.13 -24.07 -13.11
C GLN A 191 -16.27 -23.18 -14.33
N GLY A 192 -15.20 -23.01 -15.10
CA GLY A 192 -15.17 -22.08 -16.22
C GLY A 192 -14.84 -20.64 -15.87
N PHE A 193 -14.48 -20.36 -14.63
CA PHE A 193 -14.01 -19.04 -14.22
C PHE A 193 -13.03 -19.21 -13.06
N CYS A 194 -12.31 -18.13 -12.75
CA CYS A 194 -11.34 -18.09 -11.69
C CYS A 194 -11.47 -16.77 -10.93
N ILE A 195 -11.49 -16.85 -9.61
CA ILE A 195 -11.44 -15.69 -8.74
C ILE A 195 -10.20 -15.79 -7.86
N VAL A 196 -9.41 -14.72 -7.81
CA VAL A 196 -8.24 -14.68 -6.95
C VAL A 196 -8.41 -13.53 -5.98
N ASP A 197 -8.28 -13.81 -4.68
CA ASP A 197 -8.50 -12.83 -3.62
C ASP A 197 -7.16 -12.40 -3.04
N GLN A 198 -6.55 -11.35 -3.63
CA GLN A 198 -5.44 -10.63 -3.02
C GLN A 198 -4.18 -11.49 -2.88
N GLU A 199 -3.98 -12.46 -3.78
CA GLU A 199 -2.79 -13.30 -3.70
C GLU A 199 -1.60 -12.68 -4.39
N TYR A 200 -1.83 -11.75 -5.31
CA TYR A 200 -0.78 -11.09 -6.05
C TYR A 200 -0.50 -9.70 -5.51
N GLU A 201 -1.56 -8.96 -5.17
CA GLU A 201 -1.44 -7.64 -4.59
C GLU A 201 -2.55 -7.45 -3.56
N ILE A 202 -2.16 -6.87 -2.41
CA ILE A 202 -3.13 -6.50 -1.37
C ILE A 202 -4.22 -5.62 -1.98
N GLY A 203 -5.47 -5.89 -1.60
CA GLY A 203 -6.60 -5.13 -2.09
C GLY A 203 -7.11 -5.57 -3.45
N MSE A 204 -6.30 -6.26 -4.24
CA MSE A 204 -6.69 -6.61 -5.59
C MSE A 204 -7.43 -7.94 -5.67
O MSE A 204 -6.89 -8.99 -5.31
CB MSE A 204 -5.47 -6.65 -6.48
CG MSE A 204 -5.81 -6.93 -7.94
SE MSE A 204 -4.23 -7.30 -8.97
CE MSE A 204 -3.53 -5.55 -9.35
N ARG A 205 -8.67 -7.89 -6.17
CA ARG A 205 -9.48 -9.07 -6.43
C ARG A 205 -9.73 -9.17 -7.92
N VAL A 206 -9.55 -10.37 -8.48
CA VAL A 206 -9.60 -10.51 -9.93
C VAL A 206 -10.50 -11.69 -10.26
N LEU A 207 -11.44 -11.48 -11.19
CA LEU A 207 -12.28 -12.54 -11.74
C LEU A 207 -11.95 -12.69 -13.23
N GLY A 208 -11.80 -13.93 -13.69
CA GLY A 208 -11.39 -14.15 -15.06
C GLY A 208 -12.19 -15.25 -15.71
N VAL A 209 -12.26 -15.19 -17.04
CA VAL A 209 -12.79 -16.31 -17.82
C VAL A 209 -11.87 -16.64 -18.99
N PRO A 210 -11.87 -17.87 -19.47
CA PRO A 210 -11.12 -18.20 -20.68
C PRO A 210 -11.80 -17.64 -21.93
N LEU A 211 -10.96 -17.23 -22.90
CA LEU A 211 -11.38 -16.96 -24.28
C LEU A 211 -10.86 -18.11 -25.12
N LEU A 212 -11.76 -18.92 -25.64
CA LEU A 212 -11.40 -20.13 -26.36
C LEU A 212 -11.41 -19.87 -27.87
N GLY A 213 -10.61 -20.65 -28.59
CA GLY A 213 -10.53 -20.55 -30.03
C GLY A 213 -11.50 -21.50 -30.68
N ARG A 214 -11.47 -21.50 -32.02
CA ARG A 214 -12.41 -22.31 -32.78
C ARG A 214 -12.30 -23.79 -32.42
N ALA A 215 -11.09 -24.25 -32.15
CA ALA A 215 -10.89 -25.66 -31.80
C ALA A 215 -11.13 -25.97 -30.33
N GLY A 216 -11.55 -24.98 -29.53
CA GLY A 216 -11.69 -25.20 -28.10
C GLY A 216 -10.41 -25.07 -27.31
N GLN A 217 -9.36 -24.48 -27.88
CA GLN A 217 -8.08 -24.28 -27.21
C GLN A 217 -7.97 -22.88 -26.64
N LEU A 218 -7.27 -22.75 -25.52
CA LEU A 218 -7.14 -21.46 -24.86
C LEU A 218 -6.37 -20.48 -25.73
N LYS A 219 -7.00 -19.35 -26.03
CA LYS A 219 -6.37 -18.29 -26.80
C LYS A 219 -5.96 -17.08 -25.95
N ALA A 220 -6.74 -16.74 -24.92
CA ALA A 220 -6.48 -15.57 -24.09
C ALA A 220 -7.40 -15.63 -22.90
N THR A 221 -7.19 -14.73 -21.95
CA THR A 221 -8.03 -14.65 -20.77
C THR A 221 -8.74 -13.31 -20.71
N LEU A 222 -9.87 -13.26 -20.04
CA LEU A 222 -10.58 -11.99 -19.88
C LEU A 222 -10.82 -11.78 -18.39
N THR A 223 -10.32 -10.68 -17.85
CA THR A 223 -10.44 -10.47 -16.43
C THR A 223 -10.98 -9.10 -16.11
N ILE A 224 -11.63 -9.03 -14.96
CA ILE A 224 -12.07 -7.79 -14.33
C ILE A 224 -11.34 -7.72 -13.00
N THR A 225 -10.65 -6.62 -12.78
CA THR A 225 -9.95 -6.40 -11.52
C THR A 225 -10.75 -5.38 -10.71
N THR A 226 -10.99 -5.71 -9.44
CA THR A 226 -11.74 -4.85 -8.52
C THR A 226 -10.97 -4.78 -7.21
N HIS A 227 -11.46 -3.95 -6.28
CA HIS A 227 -10.79 -3.67 -5.02
C HIS A 227 -11.56 -4.32 -3.88
N ALA A 228 -10.82 -4.94 -2.96
CA ALA A 228 -11.44 -5.69 -1.87
C ALA A 228 -12.19 -4.79 -0.89
N SER A 229 -11.89 -3.50 -0.85
CA SER A 229 -12.62 -2.55 0.00
C SER A 229 -13.96 -2.12 -0.57
N ARG A 230 -14.34 -2.58 -1.77
CA ARG A 230 -15.62 -2.20 -2.34
C ARG A 230 -16.58 -3.37 -2.53
N LEU A 231 -16.11 -4.51 -3.02
CA LEU A 231 -16.99 -5.61 -3.39
C LEU A 231 -16.59 -6.88 -2.67
N SER A 232 -17.57 -7.64 -2.24
CA SER A 232 -17.29 -8.99 -1.76
C SER A 232 -17.06 -9.91 -2.96
N ILE A 233 -16.48 -11.08 -2.68
CA ILE A 233 -16.37 -12.11 -3.71
C ILE A 233 -17.76 -12.53 -4.17
N ASP A 234 -18.69 -12.59 -3.23
CA ASP A 234 -20.08 -12.91 -3.55
C ASP A 234 -20.66 -11.98 -4.62
N GLU A 235 -20.50 -10.67 -4.42
CA GLU A 235 -21.02 -9.71 -5.40
C GLU A 235 -20.28 -9.80 -6.74
N ILE A 236 -18.96 -10.01 -6.71
CA ILE A 236 -18.22 -10.23 -7.95
C ILE A 236 -18.84 -11.35 -8.76
N ARG A 237 -19.06 -12.49 -8.10
CA ARG A 237 -19.65 -13.64 -8.76
C ARG A 237 -21.06 -13.33 -9.29
N LEU A 238 -21.89 -12.66 -8.50
CA LEU A 238 -23.27 -12.42 -8.94
C LEU A 238 -23.39 -11.31 -9.99
N ARG A 239 -22.61 -10.24 -9.88
CA ARG A 239 -22.79 -9.07 -10.74
C ARG A 239 -21.87 -9.07 -11.96
N TYR A 240 -20.62 -9.51 -11.81
CA TYR A 240 -19.62 -9.37 -12.87
C TYR A 240 -19.44 -10.62 -13.72
N LEU A 241 -19.59 -11.82 -13.14
CA LEU A 241 -19.48 -13.04 -13.94
C LEU A 241 -20.47 -13.06 -15.09
N PRO A 242 -21.77 -12.77 -14.91
CA PRO A 242 -22.65 -12.70 -16.09
C PRO A 242 -22.14 -11.75 -17.16
N THR A 243 -21.53 -10.62 -16.78
CA THR A 243 -20.98 -9.71 -17.78
C THR A 243 -19.88 -10.38 -18.59
N LEU A 244 -19.06 -11.21 -17.93
CA LEU A 244 -17.97 -11.87 -18.64
C LEU A 244 -18.48 -13.04 -19.48
N TYR A 245 -19.44 -13.81 -18.96
CA TYR A 245 -20.03 -14.86 -19.79
C TYR A 245 -20.64 -14.27 -21.06
N GLU A 246 -21.23 -13.07 -20.95
CA GLU A 246 -21.81 -12.41 -22.11
C GLU A 246 -20.73 -11.94 -23.08
N ALA A 247 -19.63 -11.40 -22.55
CA ALA A 247 -18.53 -10.99 -23.42
C ALA A 247 -17.88 -12.19 -24.10
N GLN A 248 -17.86 -13.34 -23.42
CA GLN A 248 -17.42 -14.58 -24.06
C GLN A 248 -18.25 -14.87 -25.30
N ALA A 249 -19.58 -14.76 -25.19
CA ALA A 249 -20.46 -15.10 -26.30
C ALA A 249 -20.27 -14.14 -27.45
N LEU A 250 -20.07 -12.85 -27.14
CA LEU A 250 -19.87 -11.85 -28.17
C LEU A 250 -18.57 -12.08 -28.93
N LEU A 251 -17.58 -12.69 -28.28
CA LEU A 251 -16.27 -12.89 -28.88
C LEU A 251 -16.15 -14.20 -29.66
N ARG A 252 -17.21 -15.00 -29.75
CA ARG A 252 -17.07 -16.34 -30.31
C ARG A 252 -16.53 -16.33 -31.75
N PRO A 253 -16.86 -15.37 -32.61
CA PRO A 253 -16.03 -15.17 -33.81
C PRO A 253 -14.66 -14.59 -33.45
N VAL A 254 -13.74 -15.44 -33.00
CA VAL A 254 -12.43 -15.00 -32.53
C VAL A 254 -11.58 -14.49 -33.67
N HIS B 7 14.00 7.99 51.26
CA HIS B 7 12.74 7.45 50.74
C HIS B 7 12.92 6.65 49.43
N PRO B 8 13.84 7.08 48.52
CA PRO B 8 14.12 6.26 47.34
C PRO B 8 14.48 4.80 47.63
N ARG B 9 14.81 4.46 48.87
CA ARG B 9 14.91 3.04 49.21
C ARG B 9 13.53 2.42 49.41
N ASP B 10 12.55 3.23 49.86
CA ASP B 10 11.20 2.78 50.16
C ASP B 10 10.30 2.63 48.91
N LEU B 11 10.86 2.67 47.70
CA LEU B 11 10.13 2.36 46.48
C LEU B 11 10.04 0.86 46.24
N ILE B 12 9.03 0.46 45.47
CA ILE B 12 8.79 -0.95 45.17
C ILE B 12 9.60 -1.32 43.93
N ALA B 13 10.79 -1.89 44.15
CA ALA B 13 11.73 -2.16 43.06
C ALA B 13 11.17 -3.20 42.09
N GLY B 14 10.43 -4.19 42.60
CA GLY B 14 9.79 -5.14 41.71
C GLY B 14 8.81 -4.49 40.73
N LEU B 15 8.12 -3.43 41.16
CA LEU B 15 7.23 -2.72 40.26
C LEU B 15 8.03 -1.88 39.24
N GLN B 16 9.08 -1.18 39.69
CA GLN B 16 9.90 -0.39 38.77
C GLN B 16 10.52 -1.27 37.69
N LYS B 17 11.11 -2.39 38.08
CA LYS B 17 11.81 -3.23 37.12
C LYS B 17 10.83 -3.98 36.22
N GLY B 18 9.68 -4.38 36.77
CA GLY B 18 8.71 -5.11 35.97
C GLY B 18 8.11 -4.25 34.85
N LEU B 19 7.74 -3.02 35.17
CA LEU B 19 7.18 -2.12 34.15
C LEU B 19 8.22 -1.74 33.10
N ALA B 20 9.48 -1.59 33.50
CA ALA B 20 10.55 -1.32 32.54
C ALA B 20 10.75 -2.52 31.61
N LEU B 21 10.63 -3.73 32.14
CA LEU B 21 10.82 -4.95 31.35
C LEU B 21 9.72 -5.10 30.31
N MSE B 22 8.47 -4.81 30.68
CA MSE B 22 7.34 -4.92 29.77
C MSE B 22 7.52 -4.02 28.57
O MSE B 22 7.02 -4.32 27.48
CB MSE B 22 6.05 -4.56 30.50
CG MSE B 22 5.58 -5.67 31.41
SE MSE B 22 4.09 -5.07 32.46
CE MSE B 22 2.69 -5.72 31.37
N GLN B 23 8.23 -2.93 28.75
CA GLN B 23 8.44 -2.01 27.64
C GLN B 23 9.54 -2.46 26.69
N LEU B 24 10.24 -3.56 26.99
CA LEU B 24 11.25 -4.08 26.08
C LEU B 24 10.64 -4.86 24.93
N PHE B 25 9.42 -5.37 25.09
CA PHE B 25 8.73 -5.98 23.98
C PHE B 25 8.35 -4.88 22.99
N SER B 26 8.67 -5.10 21.71
CA SER B 26 8.43 -4.06 20.71
C SER B 26 8.33 -4.73 19.34
N ALA B 27 8.15 -3.90 18.30
CA ALA B 27 8.11 -4.43 16.93
C ALA B 27 9.44 -5.08 16.57
N GLU B 28 10.55 -4.45 16.96
CA GLU B 28 11.88 -5.00 16.72
C GLU B 28 12.20 -6.16 17.67
N GLN B 29 11.49 -6.27 18.80
CA GLN B 29 11.76 -7.31 19.79
C GLN B 29 10.45 -7.94 20.23
N PRO B 30 9.82 -8.73 19.36
CA PRO B 30 8.46 -9.21 19.67
C PRO B 30 8.43 -10.28 20.74
N ARG B 31 9.50 -11.05 20.90
CA ARG B 31 9.59 -12.03 21.98
C ARG B 31 10.91 -11.85 22.71
N LEU B 32 10.97 -12.40 23.92
CA LEU B 32 12.14 -12.26 24.76
C LEU B 32 12.47 -13.60 25.39
N SER B 33 13.73 -14.01 25.27
CA SER B 33 14.23 -15.08 26.12
C SER B 33 14.82 -14.48 27.38
N VAL B 34 15.07 -15.34 28.38
CA VAL B 34 15.76 -14.88 29.58
C VAL B 34 17.13 -14.29 29.28
N PRO B 35 18.01 -14.94 28.50
CA PRO B 35 19.29 -14.29 28.13
C PRO B 35 19.13 -12.94 27.44
N GLN B 36 18.17 -12.80 26.51
CA GLN B 36 17.99 -11.49 25.88
C GLN B 36 17.49 -10.46 26.88
N ALA B 37 16.52 -10.83 27.71
CA ALA B 37 15.95 -9.88 28.66
C ALA B 37 16.98 -9.44 29.68
N ALA B 38 17.84 -10.37 30.12
CA ALA B 38 18.93 -10.00 31.01
C ALA B 38 19.81 -8.92 30.37
N ARG B 39 20.29 -9.16 29.14
CA ARG B 39 21.15 -8.19 28.46
C ARG B 39 20.46 -6.84 28.34
N LEU B 40 19.22 -6.82 27.82
CA LEU B 40 18.53 -5.56 27.58
C LEU B 40 18.20 -4.83 28.87
N SER B 41 17.91 -5.54 29.94
CA SER B 41 17.46 -4.90 31.17
C SER B 41 18.57 -4.65 32.17
N GLY B 42 19.73 -5.30 32.04
CA GLY B 42 20.79 -5.19 33.03
C GLY B 42 20.54 -5.94 34.31
N LEU B 43 19.47 -6.73 34.40
CA LEU B 43 19.24 -7.63 35.52
C LEU B 43 19.89 -8.98 35.24
N THR B 44 20.10 -9.75 36.30
CA THR B 44 20.67 -11.07 36.10
C THR B 44 19.65 -12.01 35.46
N SER B 45 20.17 -13.08 34.86
CA SER B 45 19.32 -14.13 34.33
C SER B 45 18.32 -14.62 35.37
N SER B 46 18.81 -14.91 36.59
CA SER B 46 17.93 -15.45 37.62
C SER B 46 16.81 -14.48 37.97
N ALA B 47 17.14 -13.19 38.16
CA ALA B 47 16.11 -12.24 38.54
C ALA B 47 15.12 -12.02 37.40
N VAL B 48 15.64 -11.92 36.17
CA VAL B 48 14.80 -11.65 35.00
C VAL B 48 13.85 -12.82 34.76
N ARG B 49 14.31 -14.05 34.99
CA ARG B 49 13.43 -15.21 34.90
C ARG B 49 12.22 -15.06 35.83
N ARG B 50 12.45 -14.58 37.07
CA ARG B 50 11.35 -14.43 38.03
C ARG B 50 10.36 -13.37 37.57
N PHE B 51 10.86 -12.25 37.03
CA PHE B 51 9.99 -11.24 36.47
C PHE B 51 9.15 -11.81 35.32
N LEU B 52 9.77 -12.50 34.37
CA LEU B 52 9.02 -13.02 33.23
C LEU B 52 8.00 -14.08 33.66
N LEU B 53 8.35 -14.93 34.64
CA LEU B 53 7.40 -15.92 35.12
C LEU B 53 6.27 -15.28 35.93
N THR B 54 6.55 -14.16 36.59
CA THR B 54 5.49 -13.41 37.26
C THR B 54 4.51 -12.83 36.24
N LEU B 55 5.02 -12.21 35.17
CA LEU B 55 4.15 -11.77 34.08
C LEU B 55 3.29 -12.91 33.56
N VAL B 56 3.90 -14.09 33.40
CA VAL B 56 3.13 -15.25 32.92
C VAL B 56 2.07 -15.63 33.93
N HIS B 57 2.46 -15.75 35.21
CA HIS B 57 1.50 -16.09 36.26
C HIS B 57 0.35 -15.11 36.31
N GLU B 58 0.62 -13.83 36.09
CA GLU B 58 -0.42 -12.81 36.18
C GLU B 58 -1.21 -12.66 34.87
N GLY B 59 -0.88 -13.44 33.84
CA GLY B 59 -1.62 -13.42 32.59
C GLY B 59 -1.23 -12.33 31.63
N PHE B 60 -0.16 -11.59 31.93
CA PHE B 60 0.34 -10.57 31.04
C PHE B 60 1.32 -11.10 30.00
N ALA B 61 1.74 -12.37 30.10
CA ALA B 61 2.68 -12.94 29.15
C ALA B 61 2.34 -14.41 28.99
N GLU B 62 2.79 -14.98 27.86
CA GLU B 62 2.77 -16.40 27.60
C GLU B 62 4.20 -16.85 27.31
N THR B 63 4.45 -18.16 27.44
CA THR B 63 5.78 -18.69 27.16
C THR B 63 5.70 -20.09 26.57
N ASP B 64 6.77 -20.48 25.86
CA ASP B 64 6.97 -21.86 25.46
C ASP B 64 8.08 -22.54 26.26
N SER B 65 8.51 -21.93 27.37
CA SER B 65 9.58 -22.32 28.29
C SER B 65 10.88 -21.62 27.91
N ARG B 66 10.98 -21.20 26.66
CA ARG B 66 12.18 -20.52 26.16
C ARG B 66 11.92 -19.05 25.88
N ASP B 67 10.96 -18.74 25.03
CA ASP B 67 10.63 -17.37 24.70
C ASP B 67 9.36 -16.93 25.41
N TYR B 68 9.27 -15.63 25.64
CA TYR B 68 8.15 -14.99 26.30
C TYR B 68 7.58 -13.91 25.38
N TRP B 69 6.26 -13.70 25.44
CA TRP B 69 5.65 -12.62 24.68
C TRP B 69 4.42 -12.10 25.41
N LEU B 70 4.07 -10.85 25.12
CA LEU B 70 2.96 -10.19 25.82
C LEU B 70 1.62 -10.74 25.36
N THR B 71 0.67 -10.80 26.29
CA THR B 71 -0.74 -11.10 26.00
C THR B 71 -1.54 -9.80 25.85
N PRO B 72 -2.80 -9.90 25.39
CA PRO B 72 -3.67 -8.71 25.36
C PRO B 72 -3.96 -8.09 26.71
N LYS B 73 -3.69 -8.79 27.83
CA LYS B 73 -3.96 -8.21 29.14
C LYS B 73 -3.22 -6.89 29.34
N ALA B 74 -2.08 -6.71 28.66
CA ALA B 74 -1.35 -5.43 28.76
C ALA B 74 -2.20 -4.25 28.30
N LEU B 75 -3.15 -4.47 27.38
CA LEU B 75 -4.03 -3.39 26.93
C LEU B 75 -4.84 -2.80 28.09
N ARG B 76 -5.16 -3.61 29.09
CA ARG B 76 -5.88 -3.09 30.26
C ARG B 76 -5.13 -1.95 30.96
N ILE B 77 -3.79 -1.97 30.92
CA ILE B 77 -3.02 -0.92 31.60
C ILE B 77 -3.13 0.39 30.84
N GLY B 78 -2.98 0.35 29.51
CA GLY B 78 -3.19 1.56 28.73
C GLY B 78 -4.63 2.03 28.78
N GLN B 79 -5.57 1.07 28.77
CA GLN B 79 -6.99 1.42 28.79
C GLN B 79 -7.40 2.07 30.10
N ALA B 80 -6.75 1.70 31.23
CA ALA B 80 -7.04 2.36 32.50
C ALA B 80 -6.80 3.86 32.40
N TYR B 81 -5.76 4.27 31.68
CA TYR B 81 -5.53 5.68 31.41
C TYR B 81 -6.60 6.26 30.48
N VAL B 82 -6.85 5.60 29.34
CA VAL B 82 -7.84 6.10 28.38
C VAL B 82 -9.18 6.39 29.06
N ASP B 83 -9.63 5.46 29.90
CA ASP B 83 -10.95 5.53 30.53
C ASP B 83 -11.02 6.55 31.65
N SER B 84 -9.89 6.83 32.31
CA SER B 84 -9.91 7.66 33.52
C SER B 84 -9.41 9.09 33.30
N ALA B 85 -8.62 9.35 32.27
CA ALA B 85 -7.86 10.60 32.23
C ALA B 85 -8.74 11.79 31.86
N GLN B 86 -8.54 12.90 32.56
CA GLN B 86 -9.40 14.07 32.41
C GLN B 86 -9.13 14.81 31.10
N LEU B 87 -7.86 15.01 30.76
CA LEU B 87 -7.52 15.75 29.54
C LEU B 87 -8.08 15.15 28.25
N PRO B 88 -7.91 13.86 27.94
CA PRO B 88 -8.57 13.35 26.72
C PRO B 88 -10.08 13.45 26.79
N ARG B 89 -10.66 13.21 27.96
CA ARG B 89 -12.11 13.38 28.14
C ARG B 89 -12.59 14.77 27.72
N MSE B 90 -11.89 15.80 28.18
CA MSE B 90 -12.21 17.20 27.84
C MSE B 90 -11.82 17.61 26.40
O MSE B 90 -12.44 18.51 25.82
CB MSE B 90 -11.51 18.12 28.84
CG MSE B 90 -12.02 17.99 30.31
SE MSE B 90 -13.93 17.57 30.54
CE MSE B 90 -14.48 19.26 31.35
N LEU B 91 -10.82 16.97 25.82
CA LEU B 91 -10.42 17.35 24.47
C LEU B 91 -11.18 16.59 23.38
N ARG B 92 -11.62 15.36 23.65
CA ARG B 92 -12.38 14.56 22.66
C ARG B 92 -13.50 15.34 21.97
N PRO B 93 -14.43 16.02 22.66
CA PRO B 93 -15.52 16.71 21.93
C PRO B 93 -15.05 17.76 20.95
N ILE B 94 -13.94 18.44 21.25
CA ILE B 94 -13.47 19.48 20.34
C ILE B 94 -12.69 18.85 19.19
N VAL B 95 -11.95 17.77 19.46
CA VAL B 95 -11.25 17.04 18.40
C VAL B 95 -12.25 16.53 17.36
N GLU B 96 -13.37 15.97 17.82
CA GLU B 96 -14.35 15.50 16.85
C GLU B 96 -15.03 16.67 16.16
N GLN B 97 -15.23 17.78 16.87
CA GLN B 97 -15.82 18.95 16.24
C GLN B 97 -14.91 19.49 15.13
N VAL B 98 -13.60 19.57 15.41
CA VAL B 98 -12.66 20.03 14.39
C VAL B 98 -12.53 19.00 13.27
N ALA B 99 -12.55 17.71 13.59
CA ALA B 99 -12.48 16.70 12.54
C ALA B 99 -13.70 16.77 11.61
N ARG B 100 -14.91 16.94 12.18
CA ARG B 100 -16.10 17.10 11.35
C ARG B 100 -16.04 18.37 10.50
N GLN B 101 -15.70 19.50 11.13
CA GLN B 101 -15.54 20.77 10.39
C GLN B 101 -14.61 20.61 9.20
N THR B 102 -13.47 19.93 9.39
CA THR B 102 -12.39 19.94 8.41
C THR B 102 -12.31 18.69 7.55
N GLN B 103 -12.87 17.57 8.01
CA GLN B 103 -12.79 16.27 7.33
C GLN B 103 -11.36 15.75 7.25
N GLU B 104 -10.49 16.16 8.17
CA GLU B 104 -9.10 15.72 8.21
C GLU B 104 -8.82 14.97 9.51
N HIS B 105 -7.64 14.36 9.58
CA HIS B 105 -7.18 13.71 10.81
C HIS B 105 -6.78 14.75 11.84
N VAL B 106 -7.47 14.75 12.99
CA VAL B 106 -7.15 15.66 14.08
C VAL B 106 -6.60 14.86 15.25
N SER B 107 -5.51 15.36 15.85
CA SER B 107 -4.77 14.66 16.90
C SER B 107 -4.40 15.61 18.02
N VAL B 108 -4.40 15.09 19.24
CA VAL B 108 -3.95 15.80 20.43
C VAL B 108 -2.75 15.04 20.97
N GLY B 109 -1.63 15.73 21.09
CA GLY B 109 -0.43 15.07 21.55
C GLY B 109 0.14 15.72 22.80
N THR B 110 0.97 14.96 23.50
CA THR B 110 1.72 15.46 24.63
C THR B 110 3.06 14.73 24.66
N ARG B 111 4.04 15.35 25.28
CA ARG B 111 5.35 14.71 25.38
C ARG B 111 5.30 13.57 26.40
N ASP B 112 5.99 12.48 26.07
CA ASP B 112 6.20 11.38 27.01
C ASP B 112 7.57 10.81 26.71
N GLY B 113 8.52 10.97 27.63
CA GLY B 113 9.89 10.62 27.33
C GLY B 113 10.43 11.57 26.27
N ASP B 114 11.03 11.01 25.21
CA ASP B 114 11.51 11.84 24.10
C ASP B 114 10.62 11.74 22.85
N GLU B 115 9.35 11.39 23.01
CA GLU B 115 8.42 11.30 21.91
C GLU B 115 7.14 12.07 22.23
N ILE B 116 6.37 12.34 21.21
CA ILE B 116 4.99 12.78 21.36
C ILE B 116 4.11 11.55 21.40
N ILE B 117 3.28 11.43 22.42
CA ILE B 117 2.23 10.41 22.47
C ILE B 117 0.91 11.11 22.18
N HIS B 118 0.15 10.56 21.22
CA HIS B 118 -1.16 11.10 20.94
C HIS B 118 -2.15 10.59 21.97
N LEU B 119 -2.91 11.50 22.56
CA LEU B 119 -3.94 11.13 23.53
C LEU B 119 -5.28 10.96 22.88
N VAL B 120 -5.56 11.72 21.82
CA VAL B 120 -6.80 11.64 21.08
C VAL B 120 -6.48 11.71 19.60
N ARG B 121 -7.11 10.83 18.83
CA ARG B 121 -7.02 10.83 17.37
C ARG B 121 -8.42 10.59 16.86
N SER B 122 -8.87 11.46 15.94
CA SER B 122 -10.20 11.37 15.41
C SER B 122 -10.31 10.21 14.43
N ARG B 123 -11.50 10.03 13.88
CA ARG B 123 -11.72 9.11 12.76
C ARG B 123 -11.32 9.75 11.42
N ARG B 133 -2.64 8.85 8.71
CA ARG B 133 -2.88 8.93 10.15
C ARG B 133 -1.57 8.79 10.93
N PRO B 134 -1.25 9.83 11.71
CA PRO B 134 -0.07 9.74 12.60
C PRO B 134 -0.15 8.53 13.52
N GLY B 135 1.00 7.88 13.73
CA GLY B 135 1.07 6.76 14.65
C GLY B 135 0.79 7.17 16.09
N SER B 136 0.72 6.16 16.97
CA SER B 136 0.38 6.42 18.36
C SER B 136 1.45 7.27 19.04
N ARG B 137 2.73 7.00 18.75
CA ARG B 137 3.85 7.80 19.22
C ARG B 137 4.64 8.27 18.01
N VAL B 138 5.12 9.52 18.05
CA VAL B 138 5.92 10.04 16.95
C VAL B 138 7.17 10.74 17.49
N PRO B 139 8.26 10.78 16.72
CA PRO B 139 9.45 11.50 17.17
C PRO B 139 9.22 13.01 17.18
N MSE B 140 10.10 13.72 17.87
CA MSE B 140 9.85 15.15 18.13
C MSE B 140 10.45 16.11 17.10
O MSE B 140 9.84 17.13 16.77
CB MSE B 140 10.38 15.51 19.52
CG MSE B 140 9.52 14.93 20.63
SE MSE B 140 10.16 15.36 22.39
CE MSE B 140 8.94 16.79 22.73
N TYR B 141 11.62 15.78 16.57
CA TYR B 141 12.35 16.78 15.78
C TYR B 141 11.73 17.05 14.41
N CYS B 142 10.84 16.17 13.92
CA CYS B 142 10.35 16.28 12.56
C CYS B 142 8.82 16.25 12.47
N THR B 143 8.12 16.55 13.56
CA THR B 143 6.67 16.57 13.56
C THR B 143 6.19 17.94 14.01
N ALA B 144 4.95 18.26 13.65
CA ALA B 144 4.41 19.56 14.08
C ALA B 144 4.24 19.59 15.59
N SER B 145 3.66 18.52 16.15
CA SER B 145 3.49 18.47 17.60
C SER B 145 4.84 18.50 18.29
N GLY B 146 5.82 17.78 17.73
CA GLY B 146 7.14 17.72 18.35
C GLY B 146 7.87 19.04 18.35
N ARG B 147 7.80 19.80 17.25
CA ARG B 147 8.51 21.08 17.20
C ARG B 147 7.86 22.11 18.10
N ILE B 148 6.53 22.12 18.17
CA ILE B 148 5.84 22.94 19.16
C ILE B 148 6.35 22.61 20.57
N TRP B 149 6.45 21.32 20.90
CA TRP B 149 6.95 20.98 22.23
C TRP B 149 8.39 21.45 22.40
N LEU B 150 9.26 21.14 21.45
CA LEU B 150 10.65 21.59 21.53
C LEU B 150 10.74 23.11 21.67
N ALA B 151 9.91 23.83 20.90
CA ALA B 151 9.94 25.29 20.95
C ALA B 151 9.61 25.84 22.33
N TRP B 152 8.77 25.16 23.09
CA TRP B 152 8.40 25.65 24.41
C TRP B 152 9.35 25.14 25.51
N LEU B 153 10.31 24.30 25.17
CA LEU B 153 11.26 23.77 26.14
C LEU B 153 12.26 24.84 26.57
N ASP B 154 12.82 24.66 27.76
CA ASP B 154 14.04 25.37 28.18
C ASP B 154 15.14 25.16 27.15
N GLU B 155 16.11 26.08 27.12
CA GLU B 155 17.28 25.87 26.28
C GLU B 155 18.03 24.59 26.68
N GLY B 156 18.12 24.33 27.98
CA GLY B 156 18.90 23.20 28.45
C GLY B 156 18.29 21.87 28.04
N GLU B 157 17.00 21.70 28.32
CA GLU B 157 16.31 20.47 27.91
C GLU B 157 16.36 20.30 26.40
N ARG B 158 16.14 21.39 25.65
CA ARG B 158 16.23 21.31 24.20
C ARG B 158 17.61 20.80 23.77
N ASP B 159 18.67 21.35 24.37
CA ASP B 159 20.01 20.87 24.05
C ASP B 159 20.17 19.41 24.47
N GLU B 160 19.62 19.05 25.63
CA GLU B 160 19.68 17.65 26.07
C GLU B 160 19.00 16.73 25.06
N TYR B 161 17.81 17.11 24.61
CA TYR B 161 17.10 16.29 23.63
C TYR B 161 17.96 16.08 22.39
N PHE B 162 18.47 17.16 21.80
CA PHE B 162 19.25 17.03 20.57
C PHE B 162 20.53 16.25 20.83
N ALA B 163 21.05 16.27 22.06
CA ALA B 163 22.20 15.44 22.40
C ALA B 163 21.89 13.97 22.26
N ARG B 164 20.65 13.55 22.55
CA ARG B 164 20.26 12.15 22.53
C ARG B 164 19.75 11.67 21.18
N HIS B 165 19.41 12.56 20.25
CA HIS B 165 18.69 12.20 19.02
C HIS B 165 19.29 12.81 17.77
N PRO B 166 20.11 12.08 17.02
CA PRO B 166 20.53 12.56 15.71
C PRO B 166 19.34 12.93 14.83
N LEU B 167 19.50 14.01 14.06
CA LEU B 167 18.48 14.44 13.10
C LEU B 167 18.53 13.53 11.87
N ARG B 168 18.05 12.31 12.06
CA ARG B 168 18.03 11.33 10.98
C ARG B 168 17.09 11.79 9.86
N ALA B 169 17.52 11.61 8.62
CA ALA B 169 16.71 11.99 7.46
C ALA B 169 15.72 10.87 7.19
N LEU B 170 14.43 11.15 7.37
CA LEU B 170 13.38 10.18 7.08
C LEU B 170 12.84 10.33 5.66
N THR B 171 12.70 11.56 5.17
CA THR B 171 12.31 11.86 3.80
C THR B 171 13.37 12.78 3.23
N PRO B 172 13.33 13.07 1.93
CA PRO B 172 14.24 14.09 1.37
C PRO B 172 13.94 15.49 1.86
N TYR B 173 12.86 15.69 2.59
CA TYR B 173 12.52 17.01 3.11
C TYR B 173 13.01 17.24 4.53
N THR B 174 13.37 16.18 5.27
CA THR B 174 13.70 16.29 6.68
C THR B 174 14.88 17.24 6.88
N LEU B 175 14.71 18.23 7.74
CA LEU B 175 15.86 19.02 8.16
C LEU B 175 16.83 18.13 8.93
N THR B 176 18.09 18.13 8.53
CA THR B 176 19.12 17.40 9.24
C THR B 176 20.15 18.30 9.92
N ASP B 177 20.02 19.61 9.79
CA ASP B 177 20.99 20.53 10.36
C ASP B 177 20.39 21.20 11.59
N ARG B 178 21.15 21.22 12.68
CA ARG B 178 20.65 21.73 13.96
C ARG B 178 20.30 23.21 13.86
N ALA B 179 21.14 23.99 13.17
CA ALA B 179 20.89 25.43 13.07
C ALA B 179 19.59 25.70 12.34
N GLN B 180 19.35 24.97 11.24
CA GLN B 180 18.10 25.14 10.51
C GLN B 180 16.89 24.78 11.37
N LEU B 181 17.01 23.72 12.18
CA LEU B 181 15.93 23.37 13.10
C LEU B 181 15.71 24.47 14.13
N ASP B 182 16.80 24.97 14.72
CA ASP B 182 16.69 26.07 15.68
C ASP B 182 15.93 27.25 15.08
N ALA B 183 16.20 27.55 13.80
CA ALA B 183 15.51 28.67 13.16
C ALA B 183 14.04 28.36 12.96
N GLU B 184 13.72 27.11 12.56
CA GLU B 184 12.33 26.69 12.50
C GLU B 184 11.67 26.78 13.88
N LEU B 185 12.35 26.30 14.92
CA LEU B 185 11.78 26.31 16.27
C LEU B 185 11.42 27.72 16.72
N GLN B 186 12.28 28.69 16.44
CA GLN B 186 11.97 30.05 16.87
C GLN B 186 10.90 30.69 15.99
N ARG B 187 10.79 30.28 14.72
CA ARG B 187 9.65 30.73 13.93
C ARG B 187 8.35 30.22 14.52
N VAL B 188 8.30 28.94 14.89
CA VAL B 188 7.09 28.36 15.51
C VAL B 188 6.72 29.12 16.77
N LYS B 189 7.70 29.33 17.64
CA LYS B 189 7.46 30.04 18.90
C LYS B 189 6.94 31.46 18.67
N GLY B 190 7.47 32.13 17.65
CA GLY B 190 7.06 33.50 17.37
C GLY B 190 5.70 33.61 16.71
N GLN B 191 5.41 32.74 15.74
CA GLN B 191 4.17 32.85 14.99
C GLN B 191 2.99 32.15 15.67
N GLY B 192 3.24 31.20 16.58
CA GLY B 192 2.16 30.55 17.30
C GLY B 192 1.52 29.36 16.62
N PHE B 193 2.15 28.82 15.57
CA PHE B 193 1.68 27.62 14.91
C PHE B 193 2.88 27.04 14.19
N CYS B 194 2.71 25.80 13.69
CA CYS B 194 3.79 25.07 13.04
C CYS B 194 3.23 24.28 11.87
N ILE B 195 3.87 24.38 10.71
CA ILE B 195 3.58 23.54 9.56
C ILE B 195 4.81 22.68 9.31
N VAL B 196 4.63 21.37 9.26
CA VAL B 196 5.68 20.47 8.81
C VAL B 196 5.27 19.93 7.44
N ASP B 197 6.15 20.07 6.47
CA ASP B 197 5.82 19.76 5.08
C ASP B 197 6.64 18.54 4.69
N GLN B 198 6.09 17.35 4.95
CA GLN B 198 6.63 16.06 4.49
C GLN B 198 8.02 15.77 5.02
N GLU B 199 8.34 16.24 6.23
CA GLU B 199 9.60 15.87 6.86
C GLU B 199 9.51 14.56 7.62
N TYR B 200 8.31 14.13 8.00
CA TYR B 200 8.14 12.83 8.65
C TYR B 200 7.84 11.74 7.64
N GLU B 201 7.01 12.06 6.64
CA GLU B 201 6.45 11.10 5.71
C GLU B 201 6.10 11.83 4.42
N ILE B 202 6.53 11.28 3.28
CA ILE B 202 6.17 11.83 1.98
C ILE B 202 4.67 12.00 1.88
N GLY B 203 4.23 13.15 1.36
CA GLY B 203 2.83 13.48 1.24
C GLY B 203 2.16 14.02 2.48
N MSE B 204 2.74 13.82 3.67
CA MSE B 204 2.12 14.26 4.92
C MSE B 204 2.46 15.70 5.30
O MSE B 204 3.61 16.02 5.59
CB MSE B 204 2.53 13.31 6.07
CG MSE B 204 1.63 13.40 7.31
SE MSE B 204 2.52 12.65 8.88
CE MSE B 204 1.44 11.05 9.09
N ARG B 205 1.45 16.56 5.30
CA ARG B 205 1.56 17.93 5.81
C ARG B 205 0.77 18.06 7.10
N VAL B 206 1.39 18.63 8.13
CA VAL B 206 0.79 18.74 9.45
C VAL B 206 0.82 20.20 9.88
N LEU B 207 -0.32 20.70 10.34
CA LEU B 207 -0.45 22.03 10.93
C LEU B 207 -0.80 21.85 12.40
N GLY B 208 -0.12 22.59 13.29
CA GLY B 208 -0.36 22.44 14.72
C GLY B 208 -0.35 23.76 15.46
N VAL B 209 -1.10 23.82 16.55
CA VAL B 209 -1.02 24.93 17.50
C VAL B 209 -0.75 24.40 18.89
N PRO B 210 -0.16 25.21 19.76
CA PRO B 210 -0.06 24.84 21.19
C PRO B 210 -1.39 25.00 21.90
N LEU B 211 -1.63 24.10 22.86
CA LEU B 211 -2.72 24.24 23.82
C LEU B 211 -2.08 24.57 25.17
N LEU B 212 -2.20 25.84 25.59
CA LEU B 212 -1.52 26.33 26.78
C LEU B 212 -2.42 26.24 28.00
N GLY B 213 -1.81 25.94 29.15
CA GLY B 213 -2.56 25.71 30.38
C GLY B 213 -2.51 26.89 31.33
N ARG B 214 -2.53 26.58 32.63
CA ARG B 214 -2.34 27.60 33.66
C ARG B 214 -0.98 28.26 33.50
N ALA B 215 -0.97 29.59 33.47
CA ALA B 215 0.26 30.39 33.44
C ALA B 215 1.05 30.21 32.15
N GLY B 216 0.36 29.98 31.04
CA GLY B 216 1.02 29.88 29.75
C GLY B 216 1.93 28.69 29.58
N GLN B 217 1.75 27.64 30.38
CA GLN B 217 2.55 26.44 30.21
C GLN B 217 1.91 25.56 29.15
N LEU B 218 2.75 24.90 28.34
CA LEU B 218 2.29 23.99 27.30
C LEU B 218 1.72 22.73 27.92
N LYS B 219 0.44 22.45 27.68
CA LYS B 219 -0.20 21.23 28.15
C LYS B 219 -0.30 20.15 27.08
N ALA B 220 -0.50 20.53 25.82
CA ALA B 220 -0.76 19.58 24.75
C ALA B 220 -0.61 20.30 23.42
N THR B 221 -0.64 19.52 22.34
CA THR B 221 -0.64 20.05 20.98
C THR B 221 -1.90 19.61 20.27
N LEU B 222 -2.30 20.38 19.26
CA LEU B 222 -3.49 20.07 18.47
C LEU B 222 -3.14 20.23 17.00
N THR B 223 -3.24 19.13 16.24
CA THR B 223 -2.76 19.13 14.88
C THR B 223 -3.84 18.68 13.91
N ILE B 224 -3.73 19.18 12.68
CA ILE B 224 -4.50 18.72 11.54
C ILE B 224 -3.50 18.11 10.58
N THR B 225 -3.69 16.83 10.25
CA THR B 225 -2.82 16.14 9.30
C THR B 225 -3.55 16.05 7.97
N THR B 226 -2.93 16.53 6.89
CA THR B 226 -3.52 16.46 5.56
C THR B 226 -2.49 15.93 4.54
N HIS B 227 -2.94 15.80 3.30
CA HIS B 227 -2.11 15.19 2.27
C HIS B 227 -1.76 16.24 1.22
N ALA B 228 -0.48 16.25 0.81
CA ALA B 228 -0.02 17.22 -0.18
C ALA B 228 -0.83 17.18 -1.47
N SER B 229 -1.42 16.03 -1.82
CA SER B 229 -2.20 15.95 -3.04
C SER B 229 -3.48 16.79 -2.99
N ARG B 230 -3.94 17.18 -1.81
CA ARG B 230 -5.21 17.85 -1.70
C ARG B 230 -5.11 19.34 -1.44
N LEU B 231 -4.06 19.81 -0.76
CA LEU B 231 -3.99 21.21 -0.39
C LEU B 231 -2.55 21.70 -0.44
N SER B 232 -2.37 22.93 -0.91
CA SER B 232 -1.11 23.65 -0.76
C SER B 232 -0.90 24.07 0.70
N ILE B 233 0.35 24.41 1.01
CA ILE B 233 0.68 24.98 2.33
C ILE B 233 -0.17 26.21 2.61
N ASP B 234 -0.30 27.10 1.62
CA ASP B 234 -1.13 28.29 1.80
C ASP B 234 -2.57 27.93 2.09
N GLU B 235 -3.09 26.89 1.43
CA GLU B 235 -4.49 26.54 1.63
C GLU B 235 -4.70 25.95 3.02
N ILE B 236 -3.73 25.18 3.51
CA ILE B 236 -3.81 24.68 4.88
C ILE B 236 -3.89 25.86 5.83
N ARG B 237 -2.94 26.78 5.73
CA ARG B 237 -2.96 27.97 6.55
C ARG B 237 -4.32 28.65 6.48
N LEU B 238 -4.79 28.95 5.25
CA LEU B 238 -5.98 29.77 5.09
C LEU B 238 -7.24 29.05 5.55
N ARG B 239 -7.36 27.75 5.25
CA ARG B 239 -8.58 27.03 5.57
C ARG B 239 -8.59 26.42 6.96
N TYR B 240 -7.43 26.11 7.55
CA TYR B 240 -7.45 25.36 8.80
C TYR B 240 -6.93 26.12 10.02
N LEU B 241 -6.10 27.15 9.85
CA LEU B 241 -5.58 27.87 11.00
C LEU B 241 -6.67 28.56 11.81
N PRO B 242 -7.61 29.31 11.20
CA PRO B 242 -8.66 29.94 12.03
C PRO B 242 -9.40 28.94 12.90
N THR B 243 -9.63 27.73 12.38
CA THR B 243 -10.34 26.71 13.13
C THR B 243 -9.54 26.27 14.34
N LEU B 244 -8.23 26.08 14.17
CA LEU B 244 -7.40 25.71 15.32
C LEU B 244 -7.34 26.83 16.35
N TYR B 245 -7.22 28.10 15.90
CA TYR B 245 -7.23 29.22 16.82
C TYR B 245 -8.55 29.28 17.59
N GLU B 246 -9.67 29.08 16.90
CA GLU B 246 -10.95 29.05 17.57
C GLU B 246 -11.01 27.94 18.61
N ALA B 247 -10.40 26.79 18.31
CA ALA B 247 -10.37 25.71 19.29
C ALA B 247 -9.52 26.08 20.51
N GLN B 248 -8.35 26.67 20.26
CA GLN B 248 -7.53 27.23 21.32
C GLN B 248 -8.34 28.13 22.24
N ALA B 249 -9.02 29.12 21.66
CA ALA B 249 -9.81 30.06 22.43
C ALA B 249 -10.91 29.36 23.23
N LEU B 250 -11.65 28.48 22.56
CA LEU B 250 -12.75 27.76 23.19
C LEU B 250 -12.30 26.95 24.41
N LEU B 251 -11.09 26.40 24.35
CA LEU B 251 -10.56 25.56 25.42
C LEU B 251 -9.91 26.35 26.56
N ARG B 252 -10.11 27.68 26.60
CA ARG B 252 -9.53 28.47 27.69
C ARG B 252 -10.11 28.09 29.05
N PRO B 253 -11.43 28.06 29.24
CA PRO B 253 -11.96 27.67 30.56
C PRO B 253 -11.56 26.26 30.98
N VAL B 254 -11.34 25.35 30.04
CA VAL B 254 -11.08 23.97 30.40
C VAL B 254 -9.63 23.78 30.82
N LEU B 255 -8.67 24.32 30.05
CA LEU B 255 -7.26 24.13 30.36
C LEU B 255 -6.76 25.03 31.50
N ASP B 256 -7.59 25.95 31.98
CA ASP B 256 -7.20 26.83 33.09
C ASP B 256 -7.33 26.14 34.45
N PRO C 4 33.61 5.02 -34.39
CA PRO C 4 34.76 4.46 -35.12
C PRO C 4 34.34 3.33 -36.05
N ALA C 5 34.33 3.58 -37.37
CA ALA C 5 33.74 2.69 -38.37
C ALA C 5 34.06 1.23 -38.10
N ILE C 6 33.02 0.39 -38.19
CA ILE C 6 33.12 -1.02 -37.85
C ILE C 6 33.48 -1.82 -39.11
N HIS C 7 34.39 -2.78 -38.95
CA HIS C 7 34.90 -3.54 -40.09
C HIS C 7 33.85 -4.54 -40.59
N PRO C 8 33.74 -4.72 -41.92
CA PRO C 8 32.75 -5.69 -42.46
C PRO C 8 32.94 -7.13 -41.99
N ARG C 9 34.16 -7.56 -41.66
CA ARG C 9 34.33 -8.88 -41.09
C ARG C 9 33.60 -9.03 -39.76
N ASP C 10 33.30 -7.93 -39.09
CA ASP C 10 32.67 -7.99 -37.77
C ASP C 10 31.13 -7.97 -37.85
N LEU C 11 30.55 -7.61 -39.01
CA LEU C 11 29.10 -7.49 -39.15
C LEU C 11 28.45 -8.85 -39.42
N ILE C 12 27.49 -9.23 -38.58
CA ILE C 12 26.70 -10.44 -38.78
C ILE C 12 25.49 -10.05 -39.62
N ALA C 13 25.49 -10.44 -40.91
CA ALA C 13 24.44 -10.01 -41.82
C ALA C 13 23.06 -10.56 -41.42
N GLY C 14 23.00 -11.80 -40.93
CA GLY C 14 21.74 -12.36 -40.52
C GLY C 14 21.05 -11.55 -39.43
N LEU C 15 21.84 -10.90 -38.57
CA LEU C 15 21.29 -10.04 -37.52
C LEU C 15 20.84 -8.69 -38.07
N GLN C 16 21.65 -8.08 -38.94
CA GLN C 16 21.24 -6.82 -39.57
C GLN C 16 19.92 -6.97 -40.30
N LYS C 17 19.82 -8.01 -41.15
CA LYS C 17 18.62 -8.18 -41.96
C LYS C 17 17.43 -8.69 -41.14
N GLY C 18 17.69 -9.56 -40.17
CA GLY C 18 16.62 -10.00 -39.27
C GLY C 18 15.92 -8.84 -38.59
N LEU C 19 16.71 -7.98 -37.93
CA LEU C 19 16.12 -6.83 -37.22
C LEU C 19 15.39 -5.90 -38.19
N ALA C 20 15.95 -5.70 -39.38
CA ALA C 20 15.27 -4.88 -40.39
C ALA C 20 13.92 -5.49 -40.79
N LEU C 21 13.92 -6.81 -41.08
CA LEU C 21 12.67 -7.48 -41.44
C LEU C 21 11.58 -7.27 -40.40
N MSE C 22 11.92 -7.38 -39.12
CA MSE C 22 10.90 -7.31 -38.09
C MSE C 22 10.21 -5.96 -38.05
O MSE C 22 9.05 -5.85 -37.67
CB MSE C 22 11.50 -7.61 -36.71
CG MSE C 22 11.87 -9.06 -36.48
SE MSE C 22 12.89 -9.24 -34.85
CE MSE C 22 11.31 -9.46 -33.65
N GLN C 23 10.94 -4.92 -38.45
CA GLN C 23 10.36 -3.59 -38.50
C GLN C 23 9.46 -3.37 -39.72
N LEU C 24 9.39 -4.34 -40.64
CA LEU C 24 8.55 -4.21 -41.82
C LEU C 24 7.08 -4.54 -41.54
N PHE C 25 6.77 -5.11 -40.38
CA PHE C 25 5.39 -5.30 -39.96
C PHE C 25 4.82 -3.99 -39.44
N SER C 26 3.60 -3.67 -39.88
CA SER C 26 3.01 -2.37 -39.56
C SER C 26 1.49 -2.51 -39.55
N ALA C 27 0.83 -1.39 -39.30
CA ALA C 27 -0.62 -1.33 -39.51
C ALA C 27 -0.98 -1.60 -40.97
N GLU C 28 -0.18 -1.07 -41.90
CA GLU C 28 -0.42 -1.31 -43.33
C GLU C 28 -0.03 -2.73 -43.75
N GLN C 29 0.97 -3.33 -43.10
CA GLN C 29 1.40 -4.69 -43.39
C GLN C 29 1.34 -5.51 -42.11
N PRO C 30 0.14 -5.90 -41.66
CA PRO C 30 0.06 -6.67 -40.40
C PRO C 30 0.58 -8.10 -40.56
N ARG C 31 0.43 -8.71 -41.73
CA ARG C 31 0.98 -10.01 -42.03
C ARG C 31 1.86 -9.88 -43.25
N LEU C 32 2.75 -10.86 -43.45
CA LEU C 32 3.62 -10.88 -44.61
C LEU C 32 3.77 -12.31 -45.11
N SER C 33 3.60 -12.49 -46.42
CA SER C 33 3.98 -13.71 -47.11
C SER C 33 5.46 -13.65 -47.48
N VAL C 34 5.99 -14.78 -47.93
CA VAL C 34 7.36 -14.80 -48.45
C VAL C 34 7.54 -13.81 -49.60
N PRO C 35 6.70 -13.79 -50.64
CA PRO C 35 6.91 -12.81 -51.71
C PRO C 35 6.84 -11.37 -51.24
N GLN C 36 5.87 -11.02 -50.40
CA GLN C 36 5.77 -9.64 -49.95
C GLN C 36 6.97 -9.26 -49.09
N ALA C 37 7.51 -10.21 -48.31
CA ALA C 37 8.65 -9.90 -47.45
C ALA C 37 9.94 -9.79 -48.24
N ALA C 38 10.10 -10.61 -49.30
CA ALA C 38 11.22 -10.43 -50.21
C ALA C 38 11.22 -9.03 -50.82
N ARG C 39 10.10 -8.60 -51.40
CA ARG C 39 9.91 -7.18 -51.62
C ARG C 39 9.83 -6.52 -50.26
N LEU C 40 9.77 -5.19 -50.20
CA LEU C 40 9.85 -4.51 -48.91
C LEU C 40 11.22 -4.65 -48.25
N SER C 41 11.84 -5.83 -48.31
CA SER C 41 13.15 -6.02 -47.67
C SER C 41 14.33 -6.07 -48.65
N GLY C 42 14.09 -6.46 -49.91
CA GLY C 42 15.16 -6.52 -50.88
C GLY C 42 15.95 -7.81 -50.88
N LEU C 43 15.47 -8.87 -50.25
CA LEU C 43 16.12 -10.17 -50.29
C LEU C 43 15.40 -11.10 -51.25
N THR C 44 16.07 -12.20 -51.58
CA THR C 44 15.42 -13.23 -52.38
C THR C 44 14.34 -13.96 -51.58
N SER C 45 13.36 -14.53 -52.29
CA SER C 45 12.33 -15.31 -51.62
C SER C 45 12.95 -16.44 -50.80
N SER C 46 13.90 -17.16 -51.39
CA SER C 46 14.57 -18.25 -50.69
C SER C 46 15.26 -17.76 -49.41
N ALA C 47 15.85 -16.57 -49.46
CA ALA C 47 16.54 -16.03 -48.29
C ALA C 47 15.54 -15.55 -47.24
N VAL C 48 14.58 -14.73 -47.65
CA VAL C 48 13.62 -14.17 -46.70
C VAL C 48 12.85 -15.27 -46.01
N ARG C 49 12.60 -16.38 -46.71
CA ARG C 49 11.88 -17.49 -46.07
C ARG C 49 12.68 -18.08 -44.91
N ARG C 50 14.00 -18.07 -45.00
CA ARG C 50 14.82 -18.55 -43.89
C ARG C 50 14.75 -17.61 -42.70
N PHE C 51 14.70 -16.31 -42.95
CA PHE C 51 14.53 -15.32 -41.87
C PHE C 51 13.18 -15.50 -41.18
N LEU C 52 12.10 -15.58 -41.96
CA LEU C 52 10.78 -15.75 -41.38
C LEU C 52 10.68 -17.04 -40.59
N LEU C 53 11.17 -18.13 -41.15
CA LEU C 53 11.18 -19.39 -40.40
C LEU C 53 12.02 -19.29 -39.13
N THR C 54 13.11 -18.52 -39.17
CA THR C 54 13.94 -18.39 -37.97
C THR C 54 13.17 -17.67 -36.87
N LEU C 55 12.49 -16.58 -37.22
CA LEU C 55 11.64 -15.85 -36.29
C LEU C 55 10.56 -16.75 -35.69
N VAL C 56 9.95 -17.63 -36.49
CA VAL C 56 8.95 -18.55 -35.97
C VAL C 56 9.57 -19.50 -34.95
N HIS C 57 10.70 -20.11 -35.32
CA HIS C 57 11.36 -21.07 -34.43
C HIS C 57 11.76 -20.43 -33.11
N GLU C 58 12.13 -19.15 -33.11
CA GLU C 58 12.52 -18.45 -31.88
C GLU C 58 11.33 -17.87 -31.12
N GLY C 59 10.11 -17.99 -31.62
CA GLY C 59 8.95 -17.50 -30.91
C GLY C 59 8.60 -16.04 -31.14
N PHE C 60 9.31 -15.36 -32.05
CA PHE C 60 9.00 -13.97 -32.35
C PHE C 60 7.91 -13.83 -33.39
N ALA C 61 7.52 -14.92 -34.04
CA ALA C 61 6.56 -14.87 -35.12
C ALA C 61 5.79 -16.18 -35.15
N GLU C 62 4.62 -16.13 -35.78
CA GLU C 62 3.77 -17.28 -36.08
C GLU C 62 3.44 -17.29 -37.57
N THR C 63 2.97 -18.44 -38.06
CA THR C 63 2.66 -18.61 -39.47
C THR C 63 1.55 -19.63 -39.62
N ASP C 64 0.70 -19.44 -40.64
CA ASP C 64 -0.20 -20.50 -41.05
C ASP C 64 0.39 -21.34 -42.21
N SER C 65 1.71 -21.26 -42.40
CA SER C 65 2.55 -21.86 -43.45
C SER C 65 2.66 -20.96 -44.69
N ARG C 66 1.82 -19.93 -44.82
CA ARG C 66 2.02 -19.01 -45.92
C ARG C 66 2.24 -17.57 -45.48
N ASP C 67 1.46 -17.08 -44.53
CA ASP C 67 1.59 -15.74 -43.98
C ASP C 67 2.38 -15.78 -42.67
N TYR C 68 2.93 -14.63 -42.29
CA TYR C 68 3.71 -14.53 -41.07
C TYR C 68 3.35 -13.25 -40.33
N TRP C 69 3.31 -13.32 -39.00
CA TRP C 69 3.02 -12.17 -38.16
C TRP C 69 3.76 -12.32 -36.84
N LEU C 70 4.03 -11.18 -36.19
CA LEU C 70 4.83 -11.16 -34.97
C LEU C 70 3.99 -11.58 -33.76
N THR C 71 4.66 -12.10 -32.76
CA THR C 71 4.07 -12.46 -31.47
C THR C 71 4.40 -11.40 -30.42
N PRO C 72 3.74 -11.48 -29.25
CA PRO C 72 4.10 -10.54 -28.17
C PRO C 72 5.55 -10.63 -27.74
N LYS C 73 6.28 -11.71 -28.05
CA LYS C 73 7.69 -11.78 -27.68
C LYS C 73 8.50 -10.61 -28.25
N ALA C 74 8.12 -10.07 -29.41
CA ALA C 74 8.82 -8.90 -29.93
C ALA C 74 8.85 -7.76 -28.90
N LEU C 75 7.85 -7.69 -28.00
CA LEU C 75 7.85 -6.67 -26.96
C LEU C 75 9.05 -6.81 -26.03
N ARG C 76 9.59 -8.02 -25.87
CA ARG C 76 10.70 -8.21 -24.95
C ARG C 76 11.94 -7.45 -25.42
N ILE C 77 12.15 -7.37 -26.74
CA ILE C 77 13.15 -6.45 -27.28
C ILE C 77 12.68 -5.04 -27.00
N GLY C 78 13.56 -4.20 -26.51
CA GLY C 78 13.01 -2.88 -26.26
C GLY C 78 12.36 -2.72 -24.91
N GLN C 79 11.61 -3.72 -24.43
CA GLN C 79 11.46 -3.84 -22.98
C GLN C 79 12.83 -4.01 -22.34
N ALA C 80 13.72 -4.78 -23.00
CA ALA C 80 15.11 -4.81 -22.58
C ALA C 80 15.70 -3.41 -22.56
N TYR C 81 15.27 -2.53 -23.47
CA TYR C 81 15.76 -1.15 -23.45
C TYR C 81 15.13 -0.34 -22.32
N VAL C 82 13.82 -0.48 -22.10
CA VAL C 82 13.16 0.29 -21.04
C VAL C 82 13.74 -0.08 -19.68
N ASP C 83 13.90 -1.38 -19.42
CA ASP C 83 14.42 -1.81 -18.14
C ASP C 83 15.85 -1.33 -17.91
N SER C 84 16.68 -1.36 -18.95
CA SER C 84 18.11 -1.13 -18.78
C SER C 84 18.53 0.34 -18.94
N ALA C 85 17.72 1.15 -19.62
CA ALA C 85 18.18 2.49 -19.98
C ALA C 85 18.46 3.33 -18.74
N GLN C 86 19.61 4.00 -18.74
CA GLN C 86 20.14 4.64 -17.54
C GLN C 86 19.18 5.71 -17.01
N LEU C 87 18.78 6.64 -17.88
CA LEU C 87 17.93 7.74 -17.44
C LEU C 87 16.60 7.27 -16.84
N PRO C 88 15.87 6.32 -17.45
CA PRO C 88 14.67 5.81 -16.78
C PRO C 88 14.94 5.19 -15.42
N ARG C 89 16.03 4.45 -15.28
CA ARG C 89 16.33 3.86 -13.97
C ARG C 89 16.67 4.92 -12.94
N MSE C 90 17.30 6.02 -13.37
CA MSE C 90 17.68 7.08 -12.47
C MSE C 90 16.46 7.85 -12.03
O MSE C 90 16.38 8.30 -10.90
CB MSE C 90 18.70 8.03 -13.14
CG MSE C 90 20.16 7.67 -12.89
SE MSE C 90 21.39 8.76 -13.96
CE MSE C 90 20.14 10.10 -14.60
N LEU C 91 15.47 7.98 -12.93
CA LEU C 91 14.30 8.81 -12.69
C LEU C 91 13.12 8.07 -12.07
N ARG C 92 13.18 6.73 -12.00
CA ARG C 92 12.07 5.98 -11.42
C ARG C 92 11.71 6.41 -9.99
N PRO C 93 12.66 6.48 -9.04
CA PRO C 93 12.24 6.79 -7.66
C PRO C 93 11.53 8.14 -7.53
N ILE C 94 12.02 9.19 -8.20
CA ILE C 94 11.35 10.47 -8.12
C ILE C 94 9.96 10.40 -8.74
N VAL C 95 9.77 9.56 -9.78
CA VAL C 95 8.44 9.48 -10.39
C VAL C 95 7.45 8.87 -9.40
N GLU C 96 7.87 7.83 -8.67
CA GLU C 96 6.96 7.25 -7.70
C GLU C 96 6.75 8.16 -6.50
N GLN C 97 7.77 8.93 -6.11
CA GLN C 97 7.57 9.89 -5.02
C GLN C 97 6.54 10.96 -5.43
N VAL C 98 6.69 11.52 -6.64
CA VAL C 98 5.75 12.57 -7.04
C VAL C 98 4.34 12.00 -7.21
N ALA C 99 4.23 10.75 -7.67
CA ALA C 99 2.93 10.10 -7.73
C ALA C 99 2.29 10.00 -6.35
N ARG C 100 3.06 9.63 -5.32
CA ARG C 100 2.51 9.62 -3.97
C ARG C 100 2.14 11.02 -3.49
N GLN C 101 2.90 12.05 -3.89
CA GLN C 101 2.65 13.42 -3.45
C GLN C 101 1.48 14.07 -4.16
N THR C 102 1.07 13.55 -5.33
CA THR C 102 -0.01 14.15 -6.11
C THR C 102 -1.22 13.24 -6.26
N GLN C 103 -1.05 11.92 -6.14
CA GLN C 103 -2.08 10.93 -6.47
C GLN C 103 -2.59 11.12 -7.91
N GLU C 104 -1.65 11.39 -8.82
CA GLU C 104 -1.93 11.56 -10.24
C GLU C 104 -0.93 10.69 -11.02
N HIS C 105 -1.13 10.59 -12.33
CA HIS C 105 -0.20 9.84 -13.16
C HIS C 105 1.00 10.72 -13.54
N VAL C 106 2.20 10.21 -13.26
CA VAL C 106 3.45 10.94 -13.43
C VAL C 106 4.28 10.22 -14.48
N SER C 107 4.90 11.00 -15.37
CA SER C 107 5.60 10.46 -16.53
C SER C 107 6.89 11.21 -16.77
N VAL C 108 7.88 10.50 -17.29
CA VAL C 108 9.10 11.09 -17.85
C VAL C 108 9.03 10.91 -19.36
N GLY C 109 9.14 12.02 -20.09
CA GLY C 109 9.03 12.03 -21.54
C GLY C 109 10.37 12.32 -22.17
N THR C 110 10.70 11.59 -23.24
CA THR C 110 11.87 11.88 -24.05
C THR C 110 11.50 11.80 -25.52
N ARG C 111 12.33 12.42 -26.35
CA ARG C 111 12.09 12.42 -27.78
C ARG C 111 12.61 11.14 -28.42
N ASP C 112 11.76 10.51 -29.23
CA ASP C 112 12.13 9.38 -30.05
C ASP C 112 11.55 9.62 -31.44
N GLY C 113 12.41 9.90 -32.41
CA GLY C 113 11.93 10.30 -33.72
C GLY C 113 11.23 11.64 -33.64
N ASP C 114 9.95 11.69 -34.02
CA ASP C 114 9.17 12.91 -33.98
C ASP C 114 8.08 12.87 -32.92
N GLU C 115 8.27 12.06 -31.88
CA GLU C 115 7.25 11.90 -30.87
C GLU C 115 7.90 11.92 -29.50
N ILE C 116 7.06 11.99 -28.48
CA ILE C 116 7.49 11.80 -27.11
C ILE C 116 7.19 10.35 -26.73
N ILE C 117 8.18 9.67 -26.19
CA ILE C 117 7.94 8.40 -25.55
C ILE C 117 8.02 8.60 -24.04
N HIS C 118 7.25 7.81 -23.31
CA HIS C 118 7.24 7.83 -21.85
C HIS C 118 7.90 6.55 -21.36
N LEU C 119 9.23 6.60 -21.21
CA LEU C 119 9.97 5.45 -20.69
C LEU C 119 9.69 5.17 -19.22
N VAL C 120 9.13 6.13 -18.48
CA VAL C 120 8.77 5.93 -17.07
C VAL C 120 7.37 6.47 -16.87
N ARG C 121 6.46 5.61 -16.41
CA ARG C 121 5.14 6.03 -15.98
C ARG C 121 4.90 5.45 -14.60
N SER C 122 4.36 6.28 -13.70
CA SER C 122 4.20 5.88 -12.30
C SER C 122 3.30 4.65 -12.20
N ARG C 123 3.70 3.74 -11.31
CA ARG C 123 2.93 2.54 -11.01
C ARG C 123 2.25 2.62 -9.64
N TYR C 124 2.50 3.68 -8.87
CA TYR C 124 1.74 3.93 -7.65
C TYR C 124 0.24 3.81 -7.94
N SER C 125 -0.47 3.06 -7.11
CA SER C 125 -1.84 2.66 -7.44
C SER C 125 -2.90 3.60 -6.88
N HIS C 126 -2.60 4.41 -5.86
CA HIS C 126 -3.59 5.33 -5.30
C HIS C 126 -3.60 6.62 -6.08
N VAL C 127 -4.25 6.59 -7.22
CA VAL C 127 -4.48 7.79 -7.99
C VAL C 127 -5.90 8.26 -7.70
N ALA C 128 -6.13 9.55 -7.91
CA ALA C 128 -7.43 10.13 -7.61
C ALA C 128 -8.53 9.46 -8.44
N SER C 129 -9.70 9.34 -7.82
CA SER C 129 -10.86 8.62 -8.35
C SER C 129 -11.03 8.71 -9.86
N LEU C 130 -11.10 9.95 -10.36
CA LEU C 130 -11.29 10.21 -11.78
C LEU C 130 -9.91 10.53 -12.38
N SER C 131 -9.32 9.56 -13.08
CA SER C 131 -7.95 9.73 -13.53
C SER C 131 -7.80 9.34 -14.98
N ILE C 132 -6.66 9.71 -15.55
CA ILE C 132 -6.40 9.51 -16.96
C ILE C 132 -4.88 9.48 -17.14
N ARG C 133 -4.43 8.51 -17.91
CA ARG C 133 -3.02 8.21 -17.99
C ARG C 133 -2.57 8.34 -19.43
N PRO C 134 -1.49 9.05 -19.72
CA PRO C 134 -1.05 9.18 -21.11
C PRO C 134 -0.47 7.86 -21.59
N GLY C 135 -0.64 7.59 -22.88
CA GLY C 135 -0.01 6.45 -23.51
C GLY C 135 1.50 6.55 -23.53
N SER C 136 2.14 5.47 -23.94
CA SER C 136 3.59 5.45 -23.90
C SER C 136 4.24 6.15 -25.09
N ARG C 137 3.47 6.60 -26.06
CA ARG C 137 4.01 7.27 -27.24
C ARG C 137 2.99 8.29 -27.71
N VAL C 138 3.36 9.57 -27.70
CA VAL C 138 2.39 10.65 -27.91
C VAL C 138 2.98 11.65 -28.90
N PRO C 139 2.12 12.43 -29.57
CA PRO C 139 2.62 13.45 -30.49
C PRO C 139 3.19 14.65 -29.76
N MSE C 140 4.00 15.43 -30.47
CA MSE C 140 4.75 16.49 -29.84
C MSE C 140 4.00 17.83 -29.73
O MSE C 140 4.11 18.52 -28.72
CB MSE C 140 6.07 16.68 -30.59
CG MSE C 140 7.14 15.71 -30.17
SE MSE C 140 8.77 15.94 -31.16
CE MSE C 140 9.83 16.68 -29.72
N TYR C 141 3.24 18.19 -30.76
CA TYR C 141 2.75 19.57 -30.84
C TYR C 141 1.62 19.87 -29.85
N CYS C 142 0.91 18.86 -29.35
CA CYS C 142 -0.28 19.09 -28.52
C CYS C 142 -0.18 18.45 -27.14
N THR C 143 1.03 18.23 -26.64
CA THR C 143 1.25 17.65 -25.33
C THR C 143 2.22 18.52 -24.57
N ALA C 144 2.13 18.45 -23.23
CA ALA C 144 2.98 19.29 -22.40
C ALA C 144 4.44 18.94 -22.61
N SER C 145 4.77 17.64 -22.64
CA SER C 145 6.18 17.30 -22.78
C SER C 145 6.66 17.54 -24.20
N GLY C 146 5.78 17.42 -25.20
CA GLY C 146 6.16 17.75 -26.56
C GLY C 146 6.47 19.23 -26.74
N ARG C 147 5.64 20.09 -26.16
CA ARG C 147 5.87 21.53 -26.31
C ARG C 147 7.11 21.97 -25.55
N ILE C 148 7.38 21.35 -24.41
CA ILE C 148 8.64 21.61 -23.72
C ILE C 148 9.80 21.26 -24.64
N TRP C 149 9.72 20.09 -25.27
CA TRP C 149 10.80 19.67 -26.16
C TRP C 149 10.89 20.57 -27.40
N LEU C 150 9.76 20.88 -28.03
CA LEU C 150 9.79 21.80 -29.16
C LEU C 150 10.40 23.15 -28.76
N ALA C 151 10.08 23.65 -27.56
CA ALA C 151 10.57 24.94 -27.10
C ALA C 151 12.07 24.97 -26.83
N TRP C 152 12.71 23.81 -26.56
CA TRP C 152 14.15 23.80 -26.35
C TRP C 152 14.94 23.54 -27.63
N LEU C 153 14.26 23.27 -28.74
CA LEU C 153 14.90 23.26 -30.05
C LEU C 153 15.07 24.69 -30.55
N ASP C 154 16.13 24.93 -31.30
CA ASP C 154 16.17 26.24 -31.93
C ASP C 154 15.35 26.21 -33.22
N GLU C 155 15.20 27.39 -33.83
CA GLU C 155 14.17 27.57 -34.87
C GLU C 155 14.29 26.55 -35.98
N GLY C 156 15.53 26.15 -36.32
CA GLY C 156 15.78 25.22 -37.40
C GLY C 156 15.05 23.90 -37.29
N GLU C 157 15.34 23.12 -36.24
CA GLU C 157 14.66 21.84 -36.09
C GLU C 157 13.17 22.02 -35.87
N ARG C 158 12.79 23.08 -35.15
CA ARG C 158 11.39 23.39 -34.96
C ARG C 158 10.67 23.44 -36.31
N ASP C 159 11.13 24.31 -37.22
CA ASP C 159 10.53 24.40 -38.54
C ASP C 159 10.63 23.09 -39.29
N GLU C 160 11.69 22.33 -39.07
CA GLU C 160 11.81 21.01 -39.67
C GLU C 160 10.70 20.08 -39.18
N TYR C 161 10.49 20.02 -37.86
CA TYR C 161 9.39 19.23 -37.33
C TYR C 161 8.06 19.71 -37.87
N PHE C 162 7.81 21.02 -37.80
CA PHE C 162 6.51 21.56 -38.19
C PHE C 162 6.23 21.33 -39.67
N ALA C 163 7.28 21.27 -40.49
CA ALA C 163 7.08 21.00 -41.91
C ALA C 163 6.62 19.56 -42.14
N ARG C 164 7.03 18.63 -41.29
CA ARG C 164 6.63 17.24 -41.43
C ARG C 164 5.31 16.92 -40.74
N HIS C 165 4.91 17.69 -39.73
CA HIS C 165 3.75 17.38 -38.91
C HIS C 165 2.80 18.56 -38.85
N PRO C 166 1.55 18.41 -39.27
CA PRO C 166 0.73 19.55 -39.71
C PRO C 166 -0.19 20.21 -38.68
N LEU C 167 -0.12 19.83 -37.40
CA LEU C 167 -1.05 20.30 -36.37
C LEU C 167 -2.50 19.94 -36.72
N ARG C 168 -2.75 18.64 -36.82
CA ARG C 168 -4.11 18.20 -36.97
C ARG C 168 -4.80 18.12 -35.60
N ALA C 169 -6.10 18.40 -35.58
CA ALA C 169 -6.88 18.42 -34.35
C ALA C 169 -7.20 17.00 -33.91
N LEU C 170 -6.81 16.66 -32.67
CA LEU C 170 -7.16 15.38 -32.07
C LEU C 170 -8.37 15.45 -31.13
N THR C 171 -8.73 16.65 -30.63
CA THR C 171 -9.92 16.91 -29.82
C THR C 171 -10.52 18.22 -30.30
N PRO C 172 -11.74 18.57 -29.89
CA PRO C 172 -12.27 19.91 -30.22
C PRO C 172 -11.40 21.06 -29.74
N TYR C 173 -10.49 20.83 -28.80
CA TYR C 173 -9.78 21.92 -28.15
C TYR C 173 -8.36 22.09 -28.66
N THR C 174 -7.90 21.22 -29.56
CA THR C 174 -6.52 21.31 -30.04
C THR C 174 -6.26 22.66 -30.70
N LEU C 175 -5.09 23.23 -30.39
CA LEU C 175 -4.60 24.38 -31.14
C LEU C 175 -4.10 23.93 -32.51
N THR C 176 -4.57 24.61 -33.57
CA THR C 176 -4.19 24.24 -34.93
C THR C 176 -3.50 25.35 -35.71
N ASP C 177 -3.32 26.53 -35.11
CA ASP C 177 -2.72 27.67 -35.79
C ASP C 177 -1.25 27.76 -35.40
N ARG C 178 -0.38 27.76 -36.41
CA ARG C 178 1.06 27.76 -36.14
C ARG C 178 1.49 28.98 -35.34
N ALA C 179 0.84 30.13 -35.56
CA ALA C 179 1.25 31.35 -34.89
C ALA C 179 0.94 31.30 -33.39
N GLN C 180 -0.26 30.84 -33.05
CA GLN C 180 -0.61 30.66 -31.64
C GLN C 180 0.35 29.69 -30.96
N LEU C 181 0.72 28.62 -31.66
CA LEU C 181 1.56 27.59 -31.06
C LEU C 181 2.96 28.11 -30.80
N ASP C 182 3.49 28.96 -31.69
CA ASP C 182 4.82 29.50 -31.46
C ASP C 182 4.82 30.47 -30.29
N ALA C 183 3.71 31.20 -30.10
CA ALA C 183 3.56 32.02 -28.91
C ALA C 183 3.61 31.17 -27.64
N GLU C 184 2.87 30.06 -27.62
CA GLU C 184 2.92 29.17 -26.48
C GLU C 184 4.31 28.59 -26.29
N LEU C 185 4.96 28.18 -27.38
CA LEU C 185 6.27 27.57 -27.29
C LEU C 185 7.29 28.51 -26.64
N GLN C 186 7.24 29.80 -26.99
CA GLN C 186 8.16 30.74 -26.35
C GLN C 186 7.73 31.07 -24.93
N ARG C 187 6.42 30.99 -24.62
CA ARG C 187 5.98 31.12 -23.24
C ARG C 187 6.56 30.01 -22.37
N VAL C 188 6.58 28.78 -22.90
CA VAL C 188 7.09 27.65 -22.12
C VAL C 188 8.55 27.87 -21.74
N LYS C 189 9.38 28.27 -22.72
CA LYS C 189 10.77 28.57 -22.40
C LYS C 189 10.87 29.73 -21.42
N GLY C 190 9.97 30.71 -21.53
CA GLY C 190 9.99 31.83 -20.60
C GLY C 190 9.71 31.40 -19.17
N GLN C 191 8.58 30.72 -18.96
CA GLN C 191 8.11 30.48 -17.59
C GLN C 191 8.69 29.23 -16.94
N GLY C 192 9.29 28.31 -17.70
CA GLY C 192 9.85 27.11 -17.11
C GLY C 192 8.88 25.98 -16.86
N PHE C 193 7.68 26.02 -17.43
CA PHE C 193 6.72 24.93 -17.29
C PHE C 193 5.66 25.07 -18.36
N CYS C 194 4.90 23.99 -18.55
CA CYS C 194 3.88 23.96 -19.58
C CYS C 194 2.61 23.30 -19.05
N ILE C 195 1.47 23.91 -19.33
CA ILE C 195 0.17 23.32 -19.03
C ILE C 195 -0.59 23.14 -20.34
N VAL C 196 -1.10 21.93 -20.57
CA VAL C 196 -1.97 21.66 -21.72
C VAL C 196 -3.35 21.28 -21.20
N ASP C 197 -4.37 21.94 -21.73
CA ASP C 197 -5.77 21.71 -21.32
C ASP C 197 -6.50 21.02 -22.48
N GLN C 198 -6.40 19.69 -22.51
CA GLN C 198 -7.28 18.83 -23.30
C GLN C 198 -7.09 19.01 -24.80
N GLU C 199 -5.85 19.20 -25.24
CA GLU C 199 -5.59 19.34 -26.66
C GLU C 199 -5.24 18.02 -27.31
N TYR C 200 -4.80 17.05 -26.51
CA TYR C 200 -4.43 15.74 -26.99
C TYR C 200 -5.52 14.72 -26.74
N GLU C 201 -6.19 14.84 -25.59
CA GLU C 201 -7.21 13.90 -25.17
C GLU C 201 -8.19 14.67 -24.29
N ILE C 202 -9.48 14.41 -24.50
CA ILE C 202 -10.51 15.05 -23.69
C ILE C 202 -10.40 14.56 -22.25
N GLY C 203 -10.62 15.47 -21.30
CA GLY C 203 -10.42 15.18 -19.89
C GLY C 203 -9.00 15.31 -19.41
N MSE C 204 -8.03 15.30 -20.31
CA MSE C 204 -6.64 15.25 -19.90
C MSE C 204 -6.01 16.62 -19.76
O MSE C 204 -5.83 17.36 -20.74
CB MSE C 204 -5.84 14.43 -20.91
CG MSE C 204 -4.44 14.17 -20.46
SE MSE C 204 -3.47 13.08 -21.72
CE MSE C 204 -4.54 11.46 -21.59
N ARG C 205 -5.70 16.97 -18.52
CA ARG C 205 -4.94 18.17 -18.19
C ARG C 205 -3.55 17.73 -17.79
N VAL C 206 -2.53 18.36 -18.37
CA VAL C 206 -1.16 17.92 -18.17
C VAL C 206 -0.28 19.11 -17.81
N LEU C 207 0.48 18.97 -16.74
CA LEU C 207 1.47 19.95 -16.33
C LEU C 207 2.84 19.32 -16.47
N GLY C 208 3.78 20.02 -17.11
CA GLY C 208 5.14 19.50 -17.26
C GLY C 208 6.19 20.52 -16.91
N VAL C 209 7.36 20.01 -16.50
CA VAL C 209 8.56 20.83 -16.32
C VAL C 209 9.75 20.18 -17.04
N PRO C 210 10.72 20.96 -17.52
CA PRO C 210 11.93 20.38 -18.10
C PRO C 210 12.91 19.88 -17.05
N LEU C 211 13.62 18.82 -17.41
CA LEU C 211 14.76 18.34 -16.63
C LEU C 211 16.00 18.49 -17.49
N LEU C 212 16.98 19.24 -16.99
CA LEU C 212 18.15 19.63 -17.78
C LEU C 212 19.42 19.03 -17.20
N GLY C 213 20.45 18.97 -18.05
CA GLY C 213 21.78 18.54 -17.64
C GLY C 213 22.65 19.72 -17.21
N ARG C 214 23.91 19.41 -16.91
CA ARG C 214 24.77 20.43 -16.31
C ARG C 214 25.13 21.53 -17.31
N ALA C 215 25.11 21.21 -18.61
CA ALA C 215 25.33 22.19 -19.67
C ALA C 215 24.06 22.96 -20.05
N GLY C 216 22.92 22.67 -19.39
CA GLY C 216 21.67 23.37 -19.63
C GLY C 216 20.79 22.78 -20.71
N GLN C 217 21.26 21.74 -21.40
CA GLN C 217 20.47 21.13 -22.46
C GLN C 217 19.32 20.31 -21.87
N LEU C 218 18.23 20.20 -22.64
CA LEU C 218 17.10 19.38 -22.23
C LEU C 218 17.49 17.91 -22.30
N LYS C 219 17.35 17.20 -21.18
CA LYS C 219 17.50 15.75 -21.15
C LYS C 219 16.17 15.02 -21.17
N ALA C 220 15.16 15.53 -20.47
CA ALA C 220 13.87 14.85 -20.32
C ALA C 220 12.87 15.81 -19.70
N THR C 221 11.61 15.39 -19.69
CA THR C 221 10.53 16.13 -19.05
C THR C 221 9.91 15.29 -17.92
N LEU C 222 9.26 16.01 -16.99
CA LEU C 222 8.54 15.42 -15.87
C LEU C 222 7.12 15.99 -15.89
N THR C 223 6.12 15.13 -15.98
CA THR C 223 4.77 15.62 -16.13
C THR C 223 3.82 14.96 -15.15
N ILE C 224 2.80 15.72 -14.78
CA ILE C 224 1.66 15.28 -13.98
C ILE C 224 0.42 15.37 -14.87
N THR C 225 -0.29 14.26 -15.02
CA THR C 225 -1.55 14.21 -15.74
C THR C 225 -2.70 14.05 -14.78
N THR C 226 -3.72 14.89 -14.93
CA THR C 226 -4.85 14.96 -14.02
C THR C 226 -6.11 15.14 -14.87
N HIS C 227 -7.27 15.00 -14.24
CA HIS C 227 -8.53 15.04 -14.96
C HIS C 227 -9.19 16.41 -14.80
N ALA C 228 -9.61 16.98 -15.92
CA ALA C 228 -10.14 18.34 -15.91
C ALA C 228 -11.41 18.46 -15.07
N SER C 229 -12.08 17.35 -14.77
CA SER C 229 -13.30 17.39 -13.96
C SER C 229 -13.03 17.43 -12.46
N ARG C 230 -11.76 17.37 -12.05
CA ARG C 230 -11.39 17.40 -10.63
C ARG C 230 -10.68 18.69 -10.27
N LEU C 231 -9.61 19.04 -10.97
CA LEU C 231 -8.83 20.23 -10.66
C LEU C 231 -9.04 21.32 -11.69
N SER C 232 -9.00 22.57 -11.22
CA SER C 232 -8.85 23.71 -12.11
C SER C 232 -7.38 23.95 -12.37
N ILE C 233 -7.10 24.65 -13.48
CA ILE C 233 -5.72 24.98 -13.82
C ILE C 233 -5.07 25.75 -12.70
N ASP C 234 -5.78 26.74 -12.16
CA ASP C 234 -5.44 27.43 -10.93
C ASP C 234 -4.91 26.46 -9.86
N GLU C 235 -5.69 25.44 -9.53
CA GLU C 235 -5.28 24.49 -8.49
C GLU C 235 -4.05 23.70 -8.93
N ILE C 236 -3.98 23.28 -10.20
CA ILE C 236 -2.79 22.55 -10.68
C ILE C 236 -1.54 23.39 -10.49
N ARG C 237 -1.61 24.68 -10.81
CA ARG C 237 -0.48 25.57 -10.63
C ARG C 237 -0.05 25.65 -9.17
N LEU C 238 -1.01 25.84 -8.26
CA LEU C 238 -0.68 26.16 -6.87
C LEU C 238 -0.31 24.93 -6.06
N ARG C 239 -0.90 23.77 -6.37
CA ARG C 239 -0.69 22.55 -5.62
C ARG C 239 0.37 21.63 -6.20
N TYR C 240 0.47 21.55 -7.52
CA TYR C 240 1.34 20.55 -8.13
C TYR C 240 2.65 21.12 -8.65
N LEU C 241 2.62 22.30 -9.28
CA LEU C 241 3.87 22.89 -9.78
C LEU C 241 4.96 23.05 -8.72
N PRO C 242 4.69 23.50 -7.49
CA PRO C 242 5.81 23.56 -6.52
C PRO C 242 6.38 22.18 -6.21
N THR C 243 5.56 21.12 -6.31
CA THR C 243 6.06 19.76 -6.17
C THR C 243 7.02 19.40 -7.30
N LEU C 244 6.67 19.79 -8.53
CA LEU C 244 7.57 19.57 -9.67
C LEU C 244 8.86 20.36 -9.52
N TYR C 245 8.78 21.60 -9.04
CA TYR C 245 9.99 22.38 -8.82
C TYR C 245 10.87 21.73 -7.76
N GLU C 246 10.28 21.07 -6.75
CA GLU C 246 11.08 20.38 -5.74
C GLU C 246 11.74 19.13 -6.30
N ALA C 247 11.02 18.40 -7.16
CA ALA C 247 11.63 17.25 -7.82
C ALA C 247 12.79 17.69 -8.72
N GLN C 248 12.60 18.76 -9.50
CA GLN C 248 13.70 19.31 -10.29
C GLN C 248 14.94 19.53 -9.44
N ALA C 249 14.78 20.24 -8.33
CA ALA C 249 15.91 20.56 -7.47
C ALA C 249 16.55 19.29 -6.92
N LEU C 250 15.73 18.37 -6.42
CA LEU C 250 16.23 17.10 -5.92
C LEU C 250 17.04 16.35 -6.98
N LEU C 251 16.70 16.51 -8.27
CA LEU C 251 17.29 15.71 -9.33
C LEU C 251 18.56 16.31 -9.92
N ARG C 252 19.04 17.44 -9.39
CA ARG C 252 20.20 18.11 -9.96
C ARG C 252 21.49 17.31 -9.76
N PRO C 253 21.76 16.69 -8.58
CA PRO C 253 22.97 15.84 -8.48
C PRO C 253 22.91 14.61 -9.36
N VAL C 254 21.73 14.14 -9.74
CA VAL C 254 21.66 13.00 -10.64
C VAL C 254 21.98 13.45 -12.06
N LEU C 255 21.43 14.58 -12.48
CA LEU C 255 21.84 15.27 -13.70
C LEU C 255 21.37 14.53 -14.95
N ALA D 5 4.50 -25.49 36.55
CA ALA D 5 4.11 -24.88 37.82
C ALA D 5 5.19 -23.91 38.30
N ILE D 6 4.77 -22.72 38.72
CA ILE D 6 5.66 -21.69 39.25
C ILE D 6 5.62 -21.75 40.77
N HIS D 7 6.80 -21.73 41.40
CA HIS D 7 6.83 -21.73 42.85
C HIS D 7 6.40 -20.35 43.35
N PRO D 8 5.44 -20.28 44.28
CA PRO D 8 4.92 -18.98 44.70
C PRO D 8 5.98 -18.05 45.23
N ARG D 9 7.02 -18.56 45.90
CA ARG D 9 8.09 -17.69 46.39
C ARG D 9 8.94 -17.14 45.26
N ASP D 10 8.88 -17.73 44.07
CA ASP D 10 9.55 -17.11 42.92
C ASP D 10 8.83 -15.85 42.40
N LEU D 11 7.59 -15.60 42.82
CA LEU D 11 6.83 -14.50 42.24
C LEU D 11 7.32 -13.15 42.77
N ILE D 12 7.36 -12.14 41.89
CA ILE D 12 7.74 -10.80 42.31
C ILE D 12 6.44 -10.10 42.72
N ALA D 13 6.18 -10.06 44.03
CA ALA D 13 4.89 -9.61 44.54
C ALA D 13 4.65 -8.13 44.30
N GLY D 14 5.70 -7.31 44.36
CA GLY D 14 5.54 -5.90 44.04
C GLY D 14 4.98 -5.69 42.63
N LEU D 15 5.43 -6.51 41.69
CA LEU D 15 4.93 -6.41 40.31
C LEU D 15 3.48 -6.85 40.22
N GLN D 16 3.14 -8.00 40.83
CA GLN D 16 1.76 -8.47 40.85
C GLN D 16 0.81 -7.42 41.39
N LYS D 17 1.15 -6.85 42.55
CA LYS D 17 0.24 -5.92 43.21
C LYS D 17 0.22 -4.59 42.48
N GLY D 18 1.37 -4.18 41.95
CA GLY D 18 1.45 -2.91 41.25
C GLY D 18 0.61 -2.91 39.98
N LEU D 19 0.65 -4.02 39.22
CA LEU D 19 -0.14 -4.06 37.99
C LEU D 19 -1.63 -4.16 38.30
N ALA D 20 -1.99 -4.85 39.38
CA ALA D 20 -3.39 -4.86 39.79
C ALA D 20 -3.88 -3.47 40.16
N LEU D 21 -3.03 -2.69 40.84
CA LEU D 21 -3.43 -1.36 41.31
C LEU D 21 -3.69 -0.42 40.15
N MSE D 22 -2.86 -0.49 39.11
CA MSE D 22 -3.00 0.40 37.97
C MSE D 22 -4.36 0.21 37.29
O MSE D 22 -4.92 1.15 36.76
CB MSE D 22 -1.87 0.18 36.97
CG MSE D 22 -0.48 0.40 37.60
SE MSE D 22 0.87 0.19 36.25
CE MSE D 22 0.58 1.74 35.18
N GLN D 23 -4.91 -1.00 37.35
CA GLN D 23 -6.21 -1.30 36.77
C GLN D 23 -7.38 -0.83 37.63
N LEU D 24 -7.13 -0.25 38.81
CA LEU D 24 -8.22 0.29 39.64
C LEU D 24 -8.61 1.70 39.21
N PHE D 25 -7.78 2.39 38.45
CA PHE D 25 -8.20 3.63 37.82
C PHE D 25 -9.13 3.29 36.66
N SER D 26 -10.30 3.95 36.61
CA SER D 26 -11.28 3.64 35.58
C SER D 26 -12.13 4.87 35.32
N ALA D 27 -13.09 4.73 34.41
CA ALA D 27 -14.09 5.76 34.19
C ALA D 27 -14.90 6.06 35.46
N GLU D 28 -15.27 5.02 36.21
CA GLU D 28 -16.01 5.19 37.46
C GLU D 28 -15.11 5.59 38.62
N GLN D 29 -13.81 5.34 38.53
CA GLN D 29 -12.86 5.65 39.59
C GLN D 29 -11.67 6.37 38.98
N PRO D 30 -11.86 7.62 38.56
CA PRO D 30 -10.82 8.30 37.77
C PRO D 30 -9.55 8.62 38.55
N ARG D 31 -9.66 8.85 39.85
CA ARG D 31 -8.49 9.07 40.69
C ARG D 31 -8.63 8.21 41.93
N LEU D 32 -7.58 8.20 42.74
CA LEU D 32 -7.55 7.40 43.96
C LEU D 32 -6.82 8.20 45.03
N SER D 33 -7.43 8.29 46.21
CA SER D 33 -6.74 8.67 47.43
C SER D 33 -6.11 7.42 48.03
N VAL D 34 -5.25 7.62 49.03
CA VAL D 34 -4.67 6.47 49.72
C VAL D 34 -5.75 5.61 50.38
N PRO D 35 -6.71 6.17 51.14
CA PRO D 35 -7.77 5.28 51.69
C PRO D 35 -8.57 4.56 50.61
N GLN D 36 -8.98 5.24 49.54
CA GLN D 36 -9.71 4.56 48.46
C GLN D 36 -8.87 3.45 47.85
N ALA D 37 -7.59 3.75 47.60
CA ALA D 37 -6.68 2.75 47.03
C ALA D 37 -6.52 1.54 47.95
N ALA D 38 -6.46 1.78 49.26
CA ALA D 38 -6.23 0.70 50.22
C ALA D 38 -7.43 -0.24 50.28
N ARG D 39 -8.64 0.30 50.34
CA ARG D 39 -9.81 -0.54 50.46
C ARG D 39 -10.09 -1.33 49.17
N LEU D 40 -9.95 -0.70 48.00
CA LEU D 40 -10.24 -1.38 46.74
C LEU D 40 -9.17 -2.40 46.37
N SER D 41 -7.98 -2.30 46.95
CA SER D 41 -6.92 -3.22 46.61
C SER D 41 -6.68 -4.27 47.67
N GLY D 42 -7.25 -4.11 48.86
CA GLY D 42 -6.98 -5.02 49.95
C GLY D 42 -5.64 -4.81 50.62
N LEU D 43 -4.92 -3.75 50.28
CA LEU D 43 -3.65 -3.43 50.92
C LEU D 43 -3.89 -2.43 52.04
N THR D 44 -2.92 -2.35 52.96
CA THR D 44 -2.98 -1.33 53.99
C THR D 44 -2.73 0.04 53.36
N SER D 45 -3.19 1.09 54.05
CA SER D 45 -2.86 2.44 53.63
C SER D 45 -1.36 2.62 53.45
N SER D 46 -0.57 2.11 54.40
CA SER D 46 0.87 2.33 54.38
C SER D 46 1.49 1.68 53.16
N ALA D 47 1.14 0.41 52.90
CA ALA D 47 1.69 -0.31 51.75
C ALA D 47 1.27 0.34 50.44
N VAL D 48 -0.02 0.68 50.30
CA VAL D 48 -0.50 1.17 49.01
C VAL D 48 0.07 2.56 48.70
N ARG D 49 0.35 3.35 49.74
CA ARG D 49 1.03 4.62 49.49
C ARG D 49 2.42 4.39 48.91
N ARG D 50 3.09 3.32 49.31
CA ARG D 50 4.38 3.01 48.69
C ARG D 50 4.21 2.67 47.22
N PHE D 51 3.16 1.90 46.89
CA PHE D 51 2.92 1.54 45.50
C PHE D 51 2.57 2.77 44.68
N LEU D 52 1.76 3.68 45.23
CA LEU D 52 1.34 4.87 44.51
C LEU D 52 2.49 5.83 44.32
N LEU D 53 3.42 5.90 45.27
CA LEU D 53 4.57 6.77 45.09
C LEU D 53 5.59 6.17 44.13
N THR D 54 5.66 4.85 44.06
CA THR D 54 6.52 4.24 43.04
C THR D 54 6.01 4.56 41.65
N LEU D 55 4.68 4.50 41.45
CA LEU D 55 4.09 4.86 40.15
C LEU D 55 4.40 6.31 39.79
N VAL D 56 4.33 7.22 40.77
CA VAL D 56 4.68 8.63 40.53
C VAL D 56 6.15 8.76 40.16
N HIS D 57 7.02 8.09 40.91
CA HIS D 57 8.46 8.20 40.69
C HIS D 57 8.84 7.70 39.30
N GLU D 58 8.17 6.65 38.82
CA GLU D 58 8.44 6.09 37.51
C GLU D 58 7.73 6.81 36.38
N GLY D 59 6.96 7.84 36.67
CA GLY D 59 6.29 8.61 35.63
C GLY D 59 4.96 8.08 35.18
N PHE D 60 4.44 7.01 35.81
CA PHE D 60 3.16 6.41 35.42
C PHE D 60 1.97 7.04 36.12
N ALA D 61 2.21 7.81 37.17
CA ALA D 61 1.14 8.46 37.92
C ALA D 61 1.59 9.86 38.32
N GLU D 62 0.62 10.73 38.53
CA GLU D 62 0.81 12.05 39.12
C GLU D 62 -0.02 12.15 40.41
N THR D 63 0.29 13.18 41.20
CA THR D 63 -0.46 13.39 42.45
C THR D 63 -0.54 14.87 42.75
N ASP D 64 -1.55 15.23 43.55
CA ASP D 64 -1.58 16.52 44.21
C ASP D 64 -1.38 16.37 45.72
N SER D 65 -0.81 15.24 46.15
CA SER D 65 -0.52 14.85 47.53
C SER D 65 -1.77 14.28 48.22
N ARG D 66 -2.95 14.50 47.65
CA ARG D 66 -4.17 13.89 48.18
C ARG D 66 -4.70 12.78 47.27
N ASP D 67 -4.98 13.08 46.00
CA ASP D 67 -5.38 12.08 45.03
C ASP D 67 -4.20 11.68 44.16
N TYR D 68 -4.35 10.55 43.46
CA TYR D 68 -3.40 10.06 42.48
C TYR D 68 -4.14 9.74 41.18
N TRP D 69 -3.45 9.86 40.05
CA TRP D 69 -4.08 9.53 38.77
C TRP D 69 -3.01 9.16 37.76
N LEU D 70 -3.44 8.52 36.67
CA LEU D 70 -2.48 7.96 35.70
C LEU D 70 -2.02 9.00 34.70
N THR D 71 -0.82 8.80 34.18
CA THR D 71 -0.23 9.63 33.14
C THR D 71 -0.28 8.92 31.80
N PRO D 72 0.05 9.62 30.71
CA PRO D 72 0.10 8.96 29.39
C PRO D 72 1.11 7.84 29.29
N LYS D 73 2.10 7.78 30.19
CA LYS D 73 3.07 6.70 30.11
C LYS D 73 2.43 5.32 30.26
N ALA D 74 1.26 5.23 30.93
CA ALA D 74 0.60 3.93 31.05
C ALA D 74 0.26 3.36 29.67
N LEU D 75 0.04 4.24 28.69
CA LEU D 75 -0.25 3.79 27.32
C LEU D 75 0.92 3.01 26.72
N ARG D 76 2.15 3.26 27.16
CA ARG D 76 3.29 2.48 26.68
C ARG D 76 3.17 1.00 27.03
N ILE D 77 2.50 0.67 28.13
CA ILE D 77 2.33 -0.75 28.46
C ILE D 77 1.40 -1.44 27.46
N GLY D 78 0.25 -0.83 27.15
CA GLY D 78 -0.60 -1.37 26.09
C GLY D 78 0.07 -1.35 24.71
N GLN D 79 0.79 -0.26 24.40
CA GLN D 79 1.39 -0.15 23.08
C GLN D 79 2.51 -1.18 22.88
N ALA D 80 3.15 -1.62 23.97
CA ALA D 80 4.14 -2.67 23.84
C ALA D 80 3.50 -3.94 23.30
N TYR D 81 2.27 -4.24 23.75
CA TYR D 81 1.55 -5.35 23.15
C TYR D 81 1.18 -5.04 21.70
N VAL D 82 0.59 -3.86 21.46
CA VAL D 82 0.13 -3.53 20.11
C VAL D 82 1.26 -3.63 19.10
N ASP D 83 2.46 -3.15 19.47
CA ASP D 83 3.58 -3.08 18.55
C ASP D 83 4.23 -4.44 18.31
N SER D 84 4.17 -5.34 19.30
CA SER D 84 4.93 -6.58 19.25
C SER D 84 4.11 -7.79 18.84
N ALA D 85 2.79 -7.78 19.04
CA ALA D 85 2.01 -9.00 18.87
C ALA D 85 1.73 -9.25 17.40
N GLN D 86 1.73 -10.51 17.03
CA GLN D 86 1.46 -10.86 15.63
C GLN D 86 -0.01 -10.65 15.28
N LEU D 87 -0.93 -11.05 16.16
CA LEU D 87 -2.34 -11.14 15.76
C LEU D 87 -2.94 -9.80 15.36
N PRO D 88 -2.82 -8.72 16.14
CA PRO D 88 -3.40 -7.45 15.69
C PRO D 88 -2.78 -6.92 14.42
N ARG D 89 -1.45 -7.05 14.27
CA ARG D 89 -0.77 -6.50 13.10
C ARG D 89 -1.21 -7.20 11.82
N MSE D 90 -1.46 -8.51 11.88
CA MSE D 90 -1.98 -9.27 10.76
C MSE D 90 -3.48 -9.04 10.45
O MSE D 90 -3.91 -9.17 9.32
CB MSE D 90 -1.75 -10.75 11.02
CG MSE D 90 -0.30 -11.24 10.79
SE MSE D 90 0.93 -10.07 9.77
CE MSE D 90 0.40 -10.62 7.97
N LEU D 91 -4.28 -8.73 11.47
CA LEU D 91 -5.71 -8.57 11.28
C LEU D 91 -6.12 -7.14 10.96
N ARG D 92 -5.30 -6.15 11.33
CA ARG D 92 -5.66 -4.75 11.09
C ARG D 92 -6.04 -4.47 9.64
N PRO D 93 -5.29 -4.93 8.61
CA PRO D 93 -5.71 -4.59 7.24
C PRO D 93 -7.03 -5.20 6.82
N ILE D 94 -7.38 -6.38 7.34
CA ILE D 94 -8.66 -6.98 6.96
C ILE D 94 -9.84 -6.31 7.68
N VAL D 95 -9.67 -5.90 8.95
CA VAL D 95 -10.81 -5.21 9.55
C VAL D 95 -11.04 -3.86 8.87
N GLU D 96 -9.97 -3.17 8.44
CA GLU D 96 -10.19 -1.91 7.73
C GLU D 96 -10.79 -2.17 6.35
N GLN D 97 -10.45 -3.30 5.73
CA GLN D 97 -11.06 -3.66 4.45
C GLN D 97 -12.56 -3.94 4.61
N VAL D 98 -12.93 -4.72 5.63
CA VAL D 98 -14.34 -5.04 5.85
C VAL D 98 -15.11 -3.80 6.27
N ALA D 99 -14.49 -2.96 7.11
CA ALA D 99 -15.09 -1.70 7.53
C ALA D 99 -15.42 -0.80 6.36
N ARG D 100 -14.49 -0.67 5.40
CA ARG D 100 -14.72 0.13 4.21
C ARG D 100 -15.78 -0.49 3.31
N GLN D 101 -15.80 -1.81 3.20
CA GLN D 101 -16.74 -2.51 2.34
C GLN D 101 -18.18 -2.39 2.83
N THR D 102 -18.38 -2.42 4.15
CA THR D 102 -19.71 -2.42 4.74
C THR D 102 -20.12 -1.07 5.31
N GLN D 103 -19.17 -0.18 5.53
CA GLN D 103 -19.39 1.07 6.29
C GLN D 103 -19.94 0.80 7.69
N GLU D 104 -19.47 -0.27 8.34
CA GLU D 104 -19.90 -0.59 9.70
C GLU D 104 -18.69 -0.71 10.61
N HIS D 105 -18.94 -0.69 11.91
CA HIS D 105 -17.88 -0.89 12.90
C HIS D 105 -17.44 -2.34 12.88
N VAL D 106 -16.13 -2.56 12.70
CA VAL D 106 -15.56 -3.91 12.60
C VAL D 106 -14.54 -4.08 13.71
N SER D 107 -14.62 -5.23 14.41
CA SER D 107 -13.80 -5.46 15.60
C SER D 107 -13.23 -6.87 15.57
N VAL D 108 -12.11 -7.03 16.24
CA VAL D 108 -11.52 -8.34 16.48
C VAL D 108 -11.31 -8.48 17.98
N GLY D 109 -11.83 -9.55 18.54
CA GLY D 109 -11.83 -9.71 19.97
C GLY D 109 -11.16 -11.00 20.35
N THR D 110 -10.68 -11.06 21.60
CA THR D 110 -10.24 -12.30 22.18
C THR D 110 -10.55 -12.28 23.67
N ARG D 111 -10.68 -13.48 24.24
CA ARG D 111 -10.99 -13.55 25.67
C ARG D 111 -9.80 -13.09 26.48
N ASP D 112 -10.04 -12.23 27.45
CA ASP D 112 -9.04 -11.95 28.48
C ASP D 112 -9.74 -11.87 29.82
N GLY D 113 -9.30 -12.71 30.76
CA GLY D 113 -10.03 -12.78 32.02
C GLY D 113 -11.43 -13.28 31.73
N ASP D 114 -12.44 -12.56 32.21
CA ASP D 114 -13.82 -12.91 31.92
C ASP D 114 -14.48 -11.89 30.98
N GLU D 115 -13.68 -11.20 30.19
CA GLU D 115 -14.19 -10.25 29.21
C GLU D 115 -13.65 -10.60 27.84
N ILE D 116 -14.28 -10.01 26.82
CA ILE D 116 -13.70 -9.97 25.50
C ILE D 116 -12.96 -8.64 25.41
N ILE D 117 -11.69 -8.68 25.02
CA ILE D 117 -10.93 -7.47 24.75
C ILE D 117 -10.78 -7.34 23.24
N HIS D 118 -11.02 -6.16 22.71
CA HIS D 118 -10.87 -5.94 21.28
C HIS D 118 -9.41 -5.60 21.00
N LEU D 119 -8.76 -6.46 20.21
CA LEU D 119 -7.39 -6.20 19.80
C LEU D 119 -7.34 -5.14 18.70
N VAL D 120 -8.36 -5.10 17.86
CA VAL D 120 -8.46 -4.19 16.72
C VAL D 120 -9.91 -3.77 16.59
N ARG D 121 -10.13 -2.46 16.43
CA ARG D 121 -11.42 -1.88 16.10
C ARG D 121 -11.19 -0.95 14.92
N SER D 122 -12.03 -1.06 13.89
CA SER D 122 -11.82 -0.25 12.69
C SER D 122 -11.92 1.24 13.03
N ARG D 123 -11.17 2.04 12.28
CA ARG D 123 -11.15 3.49 12.45
C ARG D 123 -11.68 4.23 11.23
N TYR D 124 -12.29 3.51 10.27
CA TYR D 124 -12.91 4.16 9.12
C TYR D 124 -13.96 5.18 9.57
N SER D 125 -13.85 6.39 9.03
CA SER D 125 -14.64 7.53 9.50
C SER D 125 -16.04 7.54 8.91
N HIS D 126 -16.22 7.03 7.68
CA HIS D 126 -17.52 7.01 7.00
C HIS D 126 -18.38 5.82 7.41
N VAL D 127 -18.32 5.42 8.69
CA VAL D 127 -19.31 4.51 9.25
C VAL D 127 -20.69 5.18 9.24
N ALA D 128 -21.73 4.36 9.12
CA ALA D 128 -23.10 4.88 9.13
C ALA D 128 -23.33 5.79 10.33
N SER D 129 -24.09 6.87 10.08
CA SER D 129 -24.33 7.86 11.14
C SER D 129 -25.05 7.23 12.33
N LEU D 130 -26.02 6.37 12.06
CA LEU D 130 -26.72 5.60 13.07
C LEU D 130 -25.92 4.32 13.32
N SER D 131 -24.89 4.45 14.16
CA SER D 131 -24.03 3.33 14.54
C SER D 131 -23.71 3.43 16.03
N ILE D 132 -23.40 2.29 16.65
CA ILE D 132 -22.89 2.25 18.01
C ILE D 132 -21.56 1.49 18.00
N ARG D 133 -20.53 2.13 18.51
CA ARG D 133 -19.23 1.48 18.47
C ARG D 133 -19.00 0.69 19.75
N PRO D 134 -18.60 -0.58 19.66
CA PRO D 134 -18.32 -1.34 20.88
C PRO D 134 -17.09 -0.80 21.60
N GLY D 135 -17.12 -0.89 22.92
CA GLY D 135 -16.03 -0.42 23.76
C GLY D 135 -14.78 -1.29 23.61
N SER D 136 -13.74 -0.93 24.38
CA SER D 136 -12.49 -1.70 24.29
C SER D 136 -12.65 -3.12 24.83
N ARG D 137 -13.43 -3.27 25.90
CA ARG D 137 -13.71 -4.55 26.54
C ARG D 137 -15.20 -4.69 26.68
N VAL D 138 -15.72 -5.90 26.50
CA VAL D 138 -17.16 -6.13 26.66
C VAL D 138 -17.40 -7.43 27.41
N PRO D 139 -18.54 -7.57 28.08
CA PRO D 139 -18.84 -8.83 28.75
C PRO D 139 -19.08 -9.95 27.75
N MSE D 140 -18.95 -11.18 28.23
CA MSE D 140 -19.05 -12.32 27.34
C MSE D 140 -20.46 -12.89 27.15
O MSE D 140 -20.76 -13.41 26.07
CB MSE D 140 -18.14 -13.46 27.80
CG MSE D 140 -16.67 -13.08 27.80
SE MSE D 140 -15.63 -14.56 28.38
CE MSE D 140 -15.35 -15.43 26.72
N TYR D 141 -21.31 -12.83 28.18
CA TYR D 141 -22.55 -13.61 28.10
C TYR D 141 -23.53 -13.01 27.08
N CYS D 142 -23.43 -11.70 26.81
CA CYS D 142 -24.41 -10.99 26.00
C CYS D 142 -23.79 -10.34 24.75
N THR D 143 -22.68 -10.86 24.22
CA THR D 143 -22.08 -10.31 23.02
C THR D 143 -21.92 -11.42 21.99
N ALA D 144 -21.85 -11.01 20.71
CA ALA D 144 -21.53 -11.97 19.66
C ALA D 144 -20.13 -12.55 19.85
N SER D 145 -19.13 -11.68 20.06
CA SER D 145 -17.78 -12.18 20.32
C SER D 145 -17.75 -13.04 21.59
N GLY D 146 -18.48 -12.64 22.63
CA GLY D 146 -18.49 -13.41 23.87
C GLY D 146 -19.08 -14.79 23.72
N ARG D 147 -20.20 -14.91 23.00
CA ARG D 147 -20.89 -16.19 22.88
C ARG D 147 -20.12 -17.16 22.01
N ILE D 148 -19.49 -16.64 20.95
CA ILE D 148 -18.60 -17.47 20.16
C ILE D 148 -17.51 -18.03 21.04
N TRP D 149 -16.92 -17.18 21.90
CA TRP D 149 -15.84 -17.69 22.74
C TRP D 149 -16.39 -18.73 23.73
N LEU D 150 -17.47 -18.38 24.44
CA LEU D 150 -18.12 -19.31 25.34
C LEU D 150 -18.44 -20.65 24.67
N ALA D 151 -18.98 -20.60 23.44
CA ALA D 151 -19.38 -21.82 22.73
C ALA D 151 -18.18 -22.69 22.39
N TRP D 152 -17.02 -22.09 22.16
CA TRP D 152 -15.85 -22.89 21.84
C TRP D 152 -15.06 -23.34 23.07
N LEU D 153 -15.46 -22.89 24.26
CA LEU D 153 -14.77 -23.30 25.48
C LEU D 153 -15.07 -24.76 25.80
N ASP D 154 -14.14 -25.40 26.51
CA ASP D 154 -14.46 -26.67 27.14
C ASP D 154 -15.60 -26.48 28.13
N GLU D 155 -16.39 -27.54 28.33
CA GLU D 155 -17.57 -27.46 29.18
C GLU D 155 -17.23 -27.00 30.60
N GLY D 156 -16.10 -27.47 31.14
CA GLY D 156 -15.72 -27.08 32.49
C GLY D 156 -15.43 -25.59 32.62
N GLU D 157 -14.62 -25.04 31.70
CA GLU D 157 -14.34 -23.61 31.73
C GLU D 157 -15.59 -22.79 31.52
N ARG D 158 -16.44 -23.23 30.59
CA ARG D 158 -17.73 -22.55 30.41
C ARG D 158 -18.54 -22.58 31.71
N ASP D 159 -18.67 -23.77 32.32
CA ASP D 159 -19.41 -23.87 33.58
C ASP D 159 -18.82 -22.94 34.64
N GLU D 160 -17.49 -22.88 34.74
CA GLU D 160 -16.84 -22.00 35.72
C GLU D 160 -17.13 -20.53 35.45
N TYR D 161 -17.20 -20.14 34.17
CA TYR D 161 -17.54 -18.75 33.85
C TYR D 161 -18.92 -18.38 34.39
N PHE D 162 -19.91 -19.25 34.18
CA PHE D 162 -21.26 -18.91 34.61
C PHE D 162 -21.41 -18.93 36.13
N ALA D 163 -20.63 -19.77 36.82
CA ALA D 163 -20.70 -19.77 38.28
C ALA D 163 -20.17 -18.46 38.86
N ARG D 164 -19.41 -17.68 38.08
CA ARG D 164 -18.84 -16.42 38.51
C ARG D 164 -19.64 -15.21 38.07
N HIS D 165 -20.41 -15.30 36.99
CA HIS D 165 -21.07 -14.12 36.42
C HIS D 165 -22.57 -14.31 36.33
N PRO D 166 -23.34 -13.69 37.21
CA PRO D 166 -24.79 -13.68 37.03
C PRO D 166 -25.18 -12.96 35.75
N LEU D 167 -26.24 -13.45 35.11
CA LEU D 167 -26.71 -12.90 33.84
C LEU D 167 -27.51 -11.62 34.09
N ARG D 168 -26.80 -10.59 34.54
CA ARG D 168 -27.44 -9.32 34.83
C ARG D 168 -28.01 -8.71 33.55
N ALA D 169 -29.24 -8.21 33.63
CA ALA D 169 -29.93 -7.66 32.47
C ALA D 169 -29.40 -6.26 32.18
N LEU D 170 -28.89 -6.04 30.96
CA LEU D 170 -28.32 -4.75 30.58
C LEU D 170 -29.24 -3.92 29.68
N THR D 171 -30.11 -4.58 28.92
CA THR D 171 -31.21 -3.98 28.17
C THR D 171 -32.48 -4.74 28.52
N PRO D 172 -33.64 -4.39 27.93
CA PRO D 172 -34.81 -5.28 28.02
C PRO D 172 -34.68 -6.59 27.24
N TYR D 173 -33.61 -6.79 26.47
CA TYR D 173 -33.47 -7.96 25.62
C TYR D 173 -32.54 -9.02 26.17
N THR D 174 -31.73 -8.70 27.17
CA THR D 174 -30.68 -9.60 27.62
C THR D 174 -31.27 -10.89 28.16
N LEU D 175 -30.95 -12.01 27.52
CA LEU D 175 -31.26 -13.32 28.09
C LEU D 175 -30.64 -13.44 29.48
N THR D 176 -31.47 -13.55 30.52
CA THR D 176 -30.99 -13.68 31.89
C THR D 176 -31.10 -15.10 32.43
N ASP D 177 -31.55 -16.05 31.61
CA ASP D 177 -31.79 -17.42 32.02
C ASP D 177 -30.70 -18.32 31.46
N ARG D 178 -30.03 -19.07 32.34
CA ARG D 178 -28.93 -19.94 31.91
C ARG D 178 -29.37 -20.86 30.77
N ALA D 179 -30.51 -21.53 30.93
CA ALA D 179 -30.95 -22.47 29.90
C ALA D 179 -31.28 -21.74 28.60
N GLN D 180 -31.72 -20.48 28.69
CA GLN D 180 -32.01 -19.70 27.49
C GLN D 180 -30.77 -19.56 26.62
N LEU D 181 -29.64 -19.20 27.23
CA LEU D 181 -28.47 -18.94 26.41
C LEU D 181 -27.59 -20.17 26.23
N ASP D 182 -27.79 -21.23 27.02
CA ASP D 182 -27.30 -22.54 26.60
C ASP D 182 -27.77 -22.86 25.19
N ALA D 183 -29.02 -22.48 24.86
CA ALA D 183 -29.54 -22.74 23.53
C ALA D 183 -28.84 -21.90 22.47
N GLU D 184 -28.60 -20.61 22.76
CA GLU D 184 -27.80 -19.78 21.86
C GLU D 184 -26.45 -20.41 21.58
N LEU D 185 -25.74 -20.80 22.64
CA LEU D 185 -24.36 -21.27 22.47
C LEU D 185 -24.30 -22.51 21.60
N GLN D 186 -25.29 -23.41 21.72
CA GLN D 186 -25.27 -24.63 20.92
C GLN D 186 -25.47 -24.32 19.44
N ARG D 187 -26.35 -23.36 19.12
CA ARG D 187 -26.50 -22.92 17.73
C ARG D 187 -25.19 -22.40 17.17
N VAL D 188 -24.49 -21.58 17.96
CA VAL D 188 -23.28 -20.91 17.51
C VAL D 188 -22.28 -21.94 17.00
N LYS D 189 -22.02 -22.96 17.81
CA LYS D 189 -21.04 -23.96 17.44
C LYS D 189 -21.49 -24.77 16.21
N GLY D 190 -22.79 -24.92 16.03
CA GLY D 190 -23.32 -25.59 14.85
C GLY D 190 -23.36 -24.76 13.58
N GLN D 191 -23.80 -23.50 13.69
CA GLN D 191 -23.88 -22.64 12.50
C GLN D 191 -22.50 -22.25 11.98
N GLY D 192 -21.60 -21.87 12.89
CA GLY D 192 -20.36 -21.21 12.51
C GLY D 192 -20.45 -19.69 12.48
N PHE D 193 -21.49 -19.11 13.07
CA PHE D 193 -21.64 -17.67 13.20
C PHE D 193 -22.59 -17.40 14.35
N CYS D 194 -22.67 -16.13 14.75
CA CYS D 194 -23.53 -15.71 15.85
C CYS D 194 -24.04 -14.30 15.59
N ILE D 195 -25.32 -14.09 15.87
CA ILE D 195 -25.95 -12.77 15.78
C ILE D 195 -26.56 -12.49 17.13
N VAL D 196 -26.22 -11.35 17.71
CA VAL D 196 -26.79 -10.93 18.97
C VAL D 196 -27.66 -9.73 18.67
N ASP D 197 -28.91 -9.83 19.10
CA ASP D 197 -29.92 -8.81 18.83
C ASP D 197 -30.12 -7.99 20.10
N GLN D 198 -29.35 -6.90 20.22
CA GLN D 198 -29.58 -5.84 21.21
C GLN D 198 -29.59 -6.35 22.67
N GLU D 199 -28.89 -7.45 22.97
CA GLU D 199 -28.84 -7.88 24.37
C GLU D 199 -27.83 -7.11 25.19
N TYR D 200 -26.82 -6.49 24.55
CA TYR D 200 -25.80 -5.74 25.27
C TYR D 200 -26.08 -4.25 25.31
N GLU D 201 -26.48 -3.67 24.19
CA GLU D 201 -26.84 -2.26 24.12
C GLU D 201 -28.05 -2.10 23.20
N ILE D 202 -28.94 -1.18 23.57
CA ILE D 202 -30.19 -1.00 22.84
C ILE D 202 -29.88 -0.47 21.44
N GLY D 203 -30.40 -1.16 20.42
CA GLY D 203 -30.16 -0.81 19.04
C GLY D 203 -28.95 -1.48 18.41
N MSE D 204 -28.04 -2.04 19.22
CA MSE D 204 -26.81 -2.59 18.67
C MSE D 204 -27.04 -4.03 18.28
O MSE D 204 -27.39 -4.88 19.10
CB MSE D 204 -25.66 -2.46 19.66
CG MSE D 204 -24.49 -3.38 19.36
SE MSE D 204 -23.12 -3.33 20.76
CE MSE D 204 -22.47 -1.51 20.64
N ARG D 205 -26.89 -4.30 16.98
CA ARG D 205 -26.95 -5.65 16.46
C ARG D 205 -25.56 -6.03 15.97
N VAL D 206 -25.13 -7.24 16.30
CA VAL D 206 -23.77 -7.67 16.03
C VAL D 206 -23.80 -9.06 15.41
N LEU D 207 -23.08 -9.23 14.31
CA LEU D 207 -22.82 -10.54 13.73
C LEU D 207 -21.34 -10.84 13.90
N GLY D 208 -21.03 -12.08 14.25
CA GLY D 208 -19.65 -12.47 14.46
C GLY D 208 -19.39 -13.86 13.91
N VAL D 209 -18.13 -14.09 13.56
CA VAL D 209 -17.69 -15.43 13.16
C VAL D 209 -16.41 -15.74 13.93
N PRO D 210 -16.10 -17.02 14.17
CA PRO D 210 -14.80 -17.36 14.75
C PRO D 210 -13.67 -17.21 13.74
N LEU D 211 -12.48 -16.92 14.26
CA LEU D 211 -11.24 -17.00 13.48
C LEU D 211 -10.44 -18.15 14.08
N LEU D 212 -10.23 -19.21 13.30
CA LEU D 212 -9.71 -20.47 13.83
C LEU D 212 -8.23 -20.64 13.53
N GLY D 213 -7.56 -21.43 14.38
CA GLY D 213 -6.14 -21.70 14.23
C GLY D 213 -5.86 -22.91 13.35
N ARG D 214 -4.61 -23.37 13.41
CA ARG D 214 -4.18 -24.43 12.49
C ARG D 214 -4.82 -25.78 12.84
N ALA D 215 -5.12 -26.01 14.12
CA ALA D 215 -5.77 -27.25 14.55
C ALA D 215 -7.24 -27.05 14.89
N GLY D 216 -7.87 -26.04 14.28
CA GLY D 216 -9.25 -25.74 14.58
C GLY D 216 -9.52 -25.03 15.88
N GLN D 217 -8.50 -24.44 16.52
CA GLN D 217 -8.69 -23.81 17.81
C GLN D 217 -9.02 -22.33 17.63
N LEU D 218 -9.92 -21.83 18.48
CA LEU D 218 -10.38 -20.45 18.39
C LEU D 218 -9.25 -19.50 18.78
N LYS D 219 -8.89 -18.60 17.88
CA LYS D 219 -7.86 -17.60 18.16
C LYS D 219 -8.42 -16.20 18.41
N ALA D 220 -9.49 -15.85 17.71
CA ALA D 220 -10.11 -14.54 17.84
C ALA D 220 -11.50 -14.61 17.21
N THR D 221 -12.27 -13.55 17.41
CA THR D 221 -13.58 -13.40 16.81
C THR D 221 -13.55 -12.16 15.94
N LEU D 222 -14.41 -12.13 14.94
CA LEU D 222 -14.50 -11.01 13.99
C LEU D 222 -15.95 -10.61 13.90
N THR D 223 -16.25 -9.35 14.22
CA THR D 223 -17.64 -8.93 14.28
C THR D 223 -17.85 -7.67 13.45
N ILE D 224 -19.07 -7.57 12.94
CA ILE D 224 -19.58 -6.37 12.34
C ILE D 224 -20.70 -5.90 13.26
N THR D 225 -20.65 -4.65 13.67
CA THR D 225 -21.64 -4.07 14.54
C THR D 225 -22.49 -3.13 13.71
N THR D 226 -23.81 -3.29 13.78
CA THR D 226 -24.72 -2.49 12.98
C THR D 226 -25.88 -2.09 13.87
N HIS D 227 -26.88 -1.45 13.27
CA HIS D 227 -27.95 -0.81 14.02
C HIS D 227 -29.29 -1.41 13.63
N ALA D 228 -30.05 -1.83 14.63
CA ALA D 228 -31.36 -2.42 14.36
C ALA D 228 -32.30 -1.43 13.68
N SER D 229 -31.99 -0.14 13.71
CA SER D 229 -32.77 0.86 12.99
C SER D 229 -32.46 0.91 11.50
N ARG D 230 -31.35 0.31 11.05
CA ARG D 230 -31.04 0.22 9.63
C ARG D 230 -31.12 -1.19 9.05
N LEU D 231 -30.90 -2.23 9.84
CA LEU D 231 -30.85 -3.58 9.28
C LEU D 231 -31.51 -4.58 10.23
N SER D 232 -32.15 -5.57 9.66
CA SER D 232 -32.81 -6.63 10.40
C SER D 232 -31.89 -7.83 10.55
N ILE D 233 -32.35 -8.81 11.34
CA ILE D 233 -31.55 -10.02 11.56
C ILE D 233 -31.35 -10.78 10.25
N ASP D 234 -32.37 -10.84 9.41
CA ASP D 234 -32.24 -11.51 8.12
C ASP D 234 -31.34 -10.72 7.18
N GLU D 235 -31.47 -9.39 7.18
CA GLU D 235 -30.62 -8.58 6.31
C GLU D 235 -29.15 -8.72 6.66
N ILE D 236 -28.84 -8.67 7.97
CA ILE D 236 -27.44 -8.79 8.40
C ILE D 236 -26.85 -10.08 7.90
N ARG D 237 -27.59 -11.18 8.07
CA ARG D 237 -27.16 -12.47 7.58
C ARG D 237 -26.86 -12.42 6.09
N LEU D 238 -27.79 -11.87 5.29
CA LEU D 238 -27.64 -11.89 3.83
C LEU D 238 -26.60 -10.89 3.36
N ARG D 239 -26.61 -9.68 3.92
CA ARG D 239 -25.69 -8.64 3.49
C ARG D 239 -24.27 -8.89 3.97
N TYR D 240 -24.08 -9.32 5.23
CA TYR D 240 -22.78 -9.27 5.86
C TYR D 240 -22.11 -10.63 6.10
N LEU D 241 -22.88 -11.70 6.33
CA LEU D 241 -22.23 -12.98 6.57
C LEU D 241 -21.33 -13.41 5.43
N PRO D 242 -21.69 -13.25 4.14
CA PRO D 242 -20.72 -13.62 3.09
C PRO D 242 -19.38 -12.90 3.22
N THR D 243 -19.39 -11.59 3.53
CA THR D 243 -18.14 -10.86 3.73
C THR D 243 -17.30 -11.47 4.85
N LEU D 244 -17.93 -11.88 5.96
CA LEU D 244 -17.19 -12.45 7.09
C LEU D 244 -16.62 -13.82 6.76
N TYR D 245 -17.40 -14.67 6.08
CA TYR D 245 -16.87 -15.95 5.62
C TYR D 245 -15.67 -15.72 4.71
N GLU D 246 -15.76 -14.72 3.83
CA GLU D 246 -14.66 -14.41 2.93
C GLU D 246 -13.46 -13.90 3.69
N ALA D 247 -13.69 -13.13 4.76
CA ALA D 247 -12.57 -12.71 5.59
C ALA D 247 -11.94 -13.92 6.28
N GLN D 248 -12.77 -14.83 6.80
CA GLN D 248 -12.29 -16.07 7.40
C GLN D 248 -11.35 -16.81 6.45
N ALA D 249 -11.85 -17.10 5.24
CA ALA D 249 -11.10 -17.90 4.28
C ALA D 249 -9.78 -17.23 3.92
N LEU D 250 -9.81 -15.92 3.70
CA LEU D 250 -8.60 -15.21 3.28
C LEU D 250 -7.53 -15.26 4.37
N LEU D 251 -7.93 -15.38 5.64
CA LEU D 251 -7.00 -15.32 6.75
C LEU D 251 -6.52 -16.72 7.09
N ARG D 252 -5.56 -17.20 6.27
CA ARG D 252 -4.72 -18.36 6.57
C ARG D 252 -3.34 -18.00 7.13
N PRO D 253 -3.04 -16.73 7.48
CA PRO D 253 -1.93 -16.51 8.40
C PRO D 253 -2.18 -17.12 9.76
N VAL D 254 -3.44 -17.35 10.13
CA VAL D 254 -3.73 -17.90 11.45
C VAL D 254 -3.33 -19.38 11.55
N LEU D 255 -3.09 -20.04 10.43
CA LEU D 255 -2.68 -21.45 10.42
C LEU D 255 -1.31 -21.66 11.11
C ACY E . -4.98 -11.35 -12.53
O ACY E . -5.25 -11.86 -13.65
OXT ACY E . -5.10 -11.82 -11.37
CH3 ACY E . -4.36 -9.91 -12.59
S SO4 F . -1.76 1.91 -20.95
O1 SO4 F . -1.50 2.22 -19.55
O2 SO4 F . -0.96 0.75 -21.34
O3 SO4 F . -3.18 1.60 -21.18
O4 SO4 F . -1.40 3.09 -21.72
C ACY G . 2.77 15.70 13.60
O ACY G . 2.35 16.20 14.70
OXT ACY G . 3.46 16.24 12.67
CH3 ACY G . 2.40 14.19 13.34
C1 HCI H . -0.80 0.87 -14.49
O1 HCI H . -1.07 2.09 -14.53
O2 HCI H . -1.26 0.01 -13.70
C2 HCI H . 0.18 0.39 -15.56
C3 HCI H . 1.40 -0.48 -15.23
C1' HCI H . 2.42 -0.18 -16.31
C2' HCI H . 3.76 -0.06 -16.06
C3' HCI H . 4.66 0.23 -17.05
C4' HCI H . 4.29 0.45 -18.35
C5' HCI H . 2.94 0.36 -18.62
C6' HCI H . 2.05 0.06 -17.62
C ACY I . 1.59 15.41 -22.21
O ACY I . 2.75 15.69 -21.88
OXT ACY I . 0.65 16.19 -22.44
CH3 ACY I . 1.23 13.88 -22.35
C ACY J . -20.29 -7.98 20.41
O ACY J . -19.30 -8.74 20.09
OXT ACY J . -21.52 -8.29 20.54
CH3 ACY J . -19.99 -6.49 20.67
S SO4 K . -1.93 2.41 16.36
O1 SO4 K . -2.37 3.11 17.57
O2 SO4 K . -0.81 1.52 16.70
O3 SO4 K . -3.03 1.60 15.85
O4 SO4 K . -1.50 3.40 15.36
#